data_7CIJ
#
_entry.id   7CIJ
#
_cell.length_a   125.176
_cell.length_b   147.495
_cell.length_c   54.065
_cell.angle_alpha   90.00
_cell.angle_beta   99.79
_cell.angle_gamma   90.00
#
_symmetry.space_group_name_H-M   'C 1 2 1'
#
loop_
_entity.id
_entity.type
_entity.pdbx_description
1 polymer 'L-methionine decarboxylase'
2 non-polymer '[6-methyl-4-[(E)-3-methylsulfanylpropyliminomethyl]-5-oxidanyl-pyridin-3-yl]methyl dihydrogen phosphate'
3 water water
#
_entity_poly.entity_id   1
_entity_poly.type   'polypeptide(L)'
_entity_poly.pdbx_seq_one_letter_code
;MSPTAFPAAETATAPATAVDPGPELDGGDFALPEGGLDDDRRLRALDAVDEYLTRKRKHLVGYQATQDMQGTALDLARFM
PNNINNLGDPFQSGGYKPNTKVVERAVLDYYAKLWHAERPHDPADPESYWGYMLSMGSTEGNMYALWNARDYLSGKALIQ
PPTAPFDAVRYVKADPDRRNPNAHHPVAFYSEDTHYSFAKAVAVLGVETFHAVGLEKYADECPLVDPVTGLRTWPTEVPS
RPGPSGLSWDGPGEIDVDALAVLVEFFAAKGHPVFVNLNLGSTFKGAHDDVRAVCERLLPIFERHGLVQREVVYGSCPQT
GRPLVDVRRGFWIHVDGALGAGYAPFLRLAAEDPEGYGWTPEAELPEFDFGLRLPTAGHGEVDMVSSIAMSGHKWAGAPW
PCGIYMTKVKYQISPPSQPDYIGAPDTTFAGSRNGFSPLILWDHLSRYSYRDQVERIREAQELAAYLERRLTAMERELGV
ELWPARTPGAVTVRFRKPSAELVAKWSLSSQDVLMVPGDETTRRSYVHVFVMPSVDRAKLDALLAELAEDPVILGAP
;
_entity_poly.pdbx_strand_id   A,B
#
loop_
_chem_comp.id
_chem_comp.type
_chem_comp.name
_chem_comp.formula
G0C non-polymer '[6-methyl-4-[(E)-3-methylsulfanylpropyliminomethyl]-5-oxidanyl-pyridin-3-yl]methyl dihydrogen phosphate' 'C12 H19 N2 O5 P S'
#
# COMPACT_ATOMS: atom_id res chain seq x y z
N GLU A 24 0.44 -26.73 -14.81
CA GLU A 24 0.77 -25.92 -13.60
C GLU A 24 2.27 -25.92 -13.29
N LEU A 25 2.69 -24.95 -12.49
CA LEU A 25 4.04 -24.94 -11.94
C LEU A 25 4.17 -25.90 -10.75
N ASP A 26 5.28 -26.63 -10.71
CA ASP A 26 5.62 -27.58 -9.65
C ASP A 26 6.48 -26.90 -8.56
N GLY A 27 5.94 -26.83 -7.34
CA GLY A 27 6.64 -26.24 -6.21
C GLY A 27 8.01 -26.79 -5.92
N GLY A 28 8.24 -28.05 -6.26
CA GLY A 28 9.54 -28.69 -6.08
C GLY A 28 10.66 -28.03 -6.86
N ASP A 29 10.33 -27.53 -8.05
CA ASP A 29 11.31 -26.80 -8.88
C ASP A 29 11.74 -25.46 -8.29
N PHE A 30 10.98 -24.94 -7.32
CA PHE A 30 11.19 -23.61 -6.77
C PHE A 30 11.69 -23.57 -5.34
N ALA A 31 11.74 -24.71 -4.65
CA ALA A 31 12.21 -24.71 -3.25
C ALA A 31 13.63 -24.18 -3.24
N LEU A 32 13.92 -23.32 -2.28
CA LEU A 32 15.18 -22.65 -2.15
C LEU A 32 15.99 -23.35 -1.04
N PRO A 33 17.01 -24.11 -1.41
CA PRO A 33 17.85 -24.77 -0.40
C PRO A 33 18.78 -23.82 0.35
N GLU A 34 19.23 -24.25 1.55
CA GLU A 34 20.24 -23.47 2.29
C GLU A 34 21.46 -23.19 1.46
N GLY A 35 21.85 -24.15 0.64
CA GLY A 35 23.02 -24.05 -0.16
C GLY A 35 22.93 -23.28 -1.45
N GLY A 36 21.73 -22.78 -1.79
CA GLY A 36 21.51 -22.11 -3.06
C GLY A 36 21.22 -23.13 -4.16
N LEU A 37 20.85 -22.62 -5.33
CA LEU A 37 20.60 -23.40 -6.52
C LEU A 37 21.69 -23.11 -7.54
N ASP A 38 22.12 -24.16 -8.24
CA ASP A 38 23.05 -23.94 -9.38
C ASP A 38 22.35 -23.29 -10.56
N ASP A 39 23.16 -22.82 -11.51
CA ASP A 39 22.70 -22.06 -12.67
C ASP A 39 21.75 -22.86 -13.54
N ASP A 40 21.96 -24.17 -13.61
CA ASP A 40 21.07 -25.02 -14.43
C ASP A 40 19.68 -25.15 -13.80
N ARG A 41 19.62 -25.42 -12.49
CA ARG A 41 18.33 -25.49 -11.80
C ARG A 41 17.62 -24.12 -11.82
N ARG A 42 18.40 -23.04 -11.70
CA ARG A 42 17.81 -21.71 -11.70
C ARG A 42 17.15 -21.40 -13.04
N LEU A 43 17.86 -21.72 -14.12
CA LEU A 43 17.33 -21.41 -15.44
C LEU A 43 16.13 -22.28 -15.79
N ARG A 44 16.19 -23.55 -15.40
CA ARG A 44 15.08 -24.45 -15.63
C ARG A 44 13.80 -23.91 -14.98
N ALA A 45 13.92 -23.47 -13.73
CA ALA A 45 12.81 -22.88 -12.98
C ALA A 45 12.27 -21.60 -13.67
N LEU A 46 13.16 -20.69 -14.00
CA LEU A 46 12.76 -19.45 -14.65
C LEU A 46 12.14 -19.72 -15.99
N ASP A 47 12.69 -20.68 -16.73
CA ASP A 47 12.02 -21.11 -17.98
C ASP A 47 10.59 -21.65 -17.73
N ALA A 48 10.39 -22.45 -16.70
CA ALA A 48 9.07 -22.98 -16.39
C ALA A 48 8.08 -21.87 -16.11
N VAL A 49 8.52 -20.90 -15.32
CA VAL A 49 7.70 -19.70 -15.01
C VAL A 49 7.35 -18.93 -16.29
N ASP A 50 8.34 -18.72 -17.16
CA ASP A 50 8.09 -17.97 -18.39
C ASP A 50 7.12 -18.73 -19.29
N GLU A 51 7.30 -20.03 -19.41
CA GLU A 51 6.41 -20.83 -20.25
C GLU A 51 4.96 -20.76 -19.73
N TYR A 52 4.81 -20.88 -18.42
CA TYR A 52 3.47 -20.77 -17.78
C TYR A 52 2.87 -19.39 -18.02
N LEU A 53 3.59 -18.33 -17.67
CA LEU A 53 3.08 -16.97 -17.79
C LEU A 53 2.79 -16.60 -19.22
N THR A 54 3.67 -17.02 -20.14
CA THR A 54 3.45 -16.70 -21.55
C THR A 54 2.16 -17.32 -22.07
N ARG A 55 1.90 -18.57 -21.72
CA ARG A 55 0.70 -19.26 -22.16
C ARG A 55 -0.53 -18.58 -21.58
N LYS A 56 -0.50 -18.27 -20.31
CA LYS A 56 -1.63 -17.61 -19.64
C LYS A 56 -1.86 -16.19 -20.13
N ARG A 57 -0.79 -15.41 -20.35
CA ARG A 57 -0.90 -14.02 -20.79
C ARG A 57 -1.61 -13.98 -22.13
N LYS A 58 -1.24 -14.89 -23.01
CA LYS A 58 -1.81 -14.88 -24.36
C LYS A 58 -3.27 -15.19 -24.43
N HIS A 59 -3.79 -15.92 -23.45
CA HIS A 59 -5.20 -16.27 -23.42
C HIS A 59 -6.01 -15.50 -22.41
N LEU A 60 -5.41 -14.68 -21.56
CA LEU A 60 -6.20 -13.97 -20.56
C LEU A 60 -7.18 -13.04 -21.25
N VAL A 61 -8.47 -13.23 -20.98
CA VAL A 61 -9.50 -12.31 -21.42
C VAL A 61 -10.53 -12.00 -20.35
N GLY A 62 -10.39 -12.54 -19.14
CA GLY A 62 -11.41 -12.41 -18.12
C GLY A 62 -11.20 -11.35 -17.08
N TYR A 63 -10.09 -10.62 -17.17
CA TYR A 63 -9.79 -9.58 -16.19
C TYR A 63 -9.48 -8.27 -16.93
N GLN A 64 -9.71 -7.15 -16.26
CA GLN A 64 -9.54 -5.83 -16.83
C GLN A 64 -8.09 -5.39 -16.74
N ALA A 65 -7.21 -6.16 -17.37
CA ALA A 65 -5.78 -5.94 -17.30
C ALA A 65 -5.21 -6.10 -18.72
N THR A 66 -4.69 -5.02 -19.28
CA THR A 66 -4.03 -5.08 -20.59
C THR A 66 -2.81 -5.94 -20.52
N GLN A 67 -2.72 -6.89 -21.45
CA GLN A 67 -1.67 -7.93 -21.42
C GLN A 67 -0.56 -7.74 -22.39
N ASP A 68 -0.70 -6.79 -23.30
CA ASP A 68 0.33 -6.53 -24.28
C ASP A 68 0.80 -5.10 -24.04
N MET A 69 2.06 -4.97 -23.63
CA MET A 69 2.63 -3.62 -23.46
C MET A 69 3.46 -3.12 -24.65
N GLN A 70 3.47 -3.91 -25.74
CA GLN A 70 3.92 -3.46 -27.06
C GLN A 70 5.27 -2.75 -27.02
N GLY A 71 6.27 -3.36 -26.37
CA GLY A 71 7.62 -2.80 -26.34
C GLY A 71 8.05 -1.95 -25.16
N THR A 72 7.15 -1.68 -24.24
CA THR A 72 7.56 -1.16 -22.93
C THR A 72 8.75 -1.98 -22.34
N ALA A 73 8.67 -3.31 -22.40
CA ALA A 73 9.75 -4.22 -21.97
C ALA A 73 11.07 -4.11 -22.75
N LEU A 74 10.96 -3.98 -24.05
CA LEU A 74 12.14 -3.72 -24.87
C LEU A 74 12.80 -2.42 -24.38
N ASP A 75 12.01 -1.37 -24.25
CA ASP A 75 12.54 -0.05 -23.90
C ASP A 75 13.03 0.03 -22.45
N LEU A 76 12.40 -0.70 -21.52
CA LEU A 76 12.59 -0.35 -20.09
C LEU A 76 13.34 -1.38 -19.25
N ALA A 77 13.64 -2.55 -19.82
CA ALA A 77 14.48 -3.55 -19.15
C ALA A 77 15.78 -2.98 -18.63
N ARG A 78 16.34 -2.04 -19.38
CA ARG A 78 17.58 -1.35 -19.00
C ARG A 78 17.58 -0.73 -17.62
N PHE A 79 16.40 -0.43 -17.05
CA PHE A 79 16.34 0.20 -15.73
C PHE A 79 16.30 -0.77 -14.56
N MET A 80 16.21 -2.05 -14.82
N MET A 80 16.19 -2.06 -14.86
CA MET A 80 16.11 -3.04 -13.73
CA MET A 80 16.13 -3.13 -13.84
C MET A 80 17.30 -3.13 -12.79
C MET A 80 17.29 -3.14 -12.83
N PRO A 81 18.52 -2.72 -13.23
CA PRO A 81 19.63 -2.63 -12.27
C PRO A 81 19.54 -1.54 -11.20
N ASN A 82 18.59 -0.62 -11.30
CA ASN A 82 18.47 0.49 -10.36
C ASN A 82 17.47 0.19 -9.28
N ASN A 83 17.85 0.49 -8.04
CA ASN A 83 16.92 0.45 -6.93
C ASN A 83 16.33 1.83 -6.84
N ILE A 84 15.25 2.03 -7.62
CA ILE A 84 14.64 3.33 -7.77
C ILE A 84 13.69 3.54 -6.62
N ASN A 85 13.68 4.71 -6.02
CA ASN A 85 12.76 4.98 -4.90
C ASN A 85 12.26 6.40 -4.92
N ASN A 86 10.94 6.57 -5.11
CA ASN A 86 10.36 7.90 -5.16
C ASN A 86 9.75 8.26 -3.81
N LEU A 87 10.50 7.92 -2.78
CA LEU A 87 10.28 8.34 -1.42
C LEU A 87 9.90 9.80 -1.26
N GLY A 88 8.77 10.05 -0.59
CA GLY A 88 8.27 11.38 -0.31
C GLY A 88 7.38 11.91 -1.43
N ASP A 89 6.97 13.14 -1.25
CA ASP A 89 6.09 13.86 -2.14
C ASP A 89 6.69 13.94 -3.55
N PRO A 90 5.87 13.76 -4.58
CA PRO A 90 6.43 13.83 -5.94
C PRO A 90 6.99 15.20 -6.33
N PHE A 91 6.55 16.26 -5.64
CA PHE A 91 6.88 17.62 -6.02
C PHE A 91 7.98 18.21 -5.16
N GLN A 92 8.63 17.37 -4.37
CA GLN A 92 9.74 17.80 -3.57
C GLN A 92 10.92 16.91 -3.81
N SER A 93 12.05 17.59 -3.90
CA SER A 93 13.35 17.01 -3.75
C SER A 93 13.41 16.26 -2.42
N GLY A 94 14.17 15.19 -2.43
CA GLY A 94 14.45 14.44 -1.22
C GLY A 94 15.88 13.95 -1.35
N GLY A 95 16.31 13.21 -0.34
CA GLY A 95 17.68 12.79 -0.27
C GLY A 95 18.01 11.56 -1.10
N TYR A 96 16.99 10.77 -1.47
CA TYR A 96 17.25 9.51 -2.19
C TYR A 96 17.32 9.86 -3.67
N LYS A 97 18.51 10.14 -4.16
CA LYS A 97 18.65 10.68 -5.52
C LYS A 97 18.33 9.75 -6.67
N PRO A 98 18.49 8.41 -6.53
CA PRO A 98 17.98 7.54 -7.62
C PRO A 98 16.45 7.47 -7.62
N ASN A 99 15.84 8.52 -8.12
CA ASN A 99 14.42 8.64 -8.20
C ASN A 99 14.02 9.22 -9.56
N THR A 100 12.77 8.98 -9.89
CA THR A 100 12.19 9.39 -11.15
C THR A 100 11.07 10.39 -10.96
N LYS A 101 11.16 11.21 -9.93
CA LYS A 101 10.08 12.15 -9.65
C LYS A 101 9.85 13.12 -10.79
N VAL A 102 10.88 13.48 -11.56
CA VAL A 102 10.68 14.34 -12.74
C VAL A 102 9.72 13.66 -13.75
N VAL A 103 9.91 12.35 -13.95
CA VAL A 103 9.05 11.56 -14.82
C VAL A 103 7.64 11.44 -14.22
N GLU A 104 7.60 11.15 -12.92
CA GLU A 104 6.34 11.02 -12.21
C GLU A 104 5.48 12.28 -12.41
N ARG A 105 6.10 13.45 -12.25
CA ARG A 105 5.38 14.69 -12.41
C ARG A 105 4.88 14.85 -13.84
N ALA A 106 5.66 14.42 -14.84
CA ALA A 106 5.18 14.48 -16.21
C ALA A 106 3.92 13.63 -16.42
N VAL A 107 3.90 12.45 -15.81
CA VAL A 107 2.76 11.56 -15.91
C VAL A 107 1.53 12.15 -15.21
N LEU A 108 1.74 12.66 -14.00
CA LEU A 108 0.67 13.29 -13.25
C LEU A 108 0.10 14.49 -14.02
N ASP A 109 0.99 15.25 -14.65
CA ASP A 109 0.56 16.43 -15.42
C ASP A 109 -0.32 16.02 -16.59
N TYR A 110 0.06 14.96 -17.28
CA TYR A 110 -0.74 14.41 -18.41
C TYR A 110 -2.14 14.00 -17.97
N TYR A 111 -2.26 13.21 -16.89
CA TYR A 111 -3.57 12.87 -16.36
C TYR A 111 -4.35 14.07 -15.77
N ALA A 112 -3.66 15.02 -15.14
CA ALA A 112 -4.30 16.23 -14.62
C ALA A 112 -4.99 16.92 -15.82
N LYS A 113 -4.29 17.06 -16.93
CA LYS A 113 -4.90 17.69 -18.13
C LYS A 113 -6.08 16.85 -18.64
N LEU A 114 -5.88 15.53 -18.71
CA LEU A 114 -6.91 14.64 -19.21
C LEU A 114 -8.19 14.71 -18.39
N TRP A 115 -8.05 14.92 -17.08
CA TRP A 115 -9.15 14.93 -16.13
C TRP A 115 -9.57 16.37 -15.78
N HIS A 116 -9.17 17.37 -16.60
CA HIS A 116 -9.56 18.78 -16.42
C HIS A 116 -9.26 19.36 -15.04
N ALA A 117 -8.16 18.88 -14.43
CA ALA A 117 -7.63 19.41 -13.19
C ALA A 117 -6.81 20.66 -13.51
N GLU A 118 -6.62 21.52 -12.51
CA GLU A 118 -5.85 22.76 -12.68
C GLU A 118 -4.38 22.46 -12.51
N ARG A 119 -3.56 22.83 -13.50
CA ARG A 119 -2.11 22.63 -13.41
C ARG A 119 -1.40 23.98 -13.65
N PRO A 120 -0.16 24.14 -13.19
CA PRO A 120 0.63 23.15 -12.47
C PRO A 120 0.18 22.98 -11.04
N HIS A 121 0.64 21.89 -10.42
CA HIS A 121 0.52 21.77 -8.97
C HIS A 121 1.21 22.99 -8.36
N ASP A 122 0.53 23.64 -7.43
CA ASP A 122 1.12 24.77 -6.73
C ASP A 122 0.61 24.79 -5.33
N PRO A 123 1.47 24.61 -4.32
CA PRO A 123 0.94 24.61 -2.95
C PRO A 123 0.23 25.91 -2.54
N ALA A 124 0.56 27.01 -3.20
CA ALA A 124 -0.11 28.30 -2.94
C ALA A 124 -1.45 28.46 -3.66
N ASP A 125 -1.81 27.54 -4.57
CA ASP A 125 -3.09 27.61 -5.28
C ASP A 125 -3.99 26.48 -4.81
N PRO A 126 -4.99 26.80 -3.96
CA PRO A 126 -5.84 25.73 -3.41
C PRO A 126 -6.60 24.93 -4.48
N GLU A 127 -6.81 25.51 -5.66
CA GLU A 127 -7.59 24.87 -6.70
C GLU A 127 -6.74 23.93 -7.58
N SER A 128 -5.41 24.01 -7.42
CA SER A 128 -4.52 23.24 -8.26
C SER A 128 -4.53 21.79 -7.81
N TYR A 129 -4.13 20.91 -8.73
CA TYR A 129 -4.14 19.50 -8.40
C TYR A 129 -2.98 19.19 -7.48
N TRP A 130 -3.16 18.13 -6.70
CA TRP A 130 -2.08 17.38 -6.08
C TRP A 130 -2.36 15.90 -6.31
N GLY A 131 -1.33 15.10 -6.55
CA GLY A 131 -1.53 13.67 -6.67
C GLY A 131 -0.20 12.99 -6.62
N TYR A 132 -0.23 11.67 -6.64
CA TYR A 132 0.98 10.89 -6.65
C TYR A 132 0.73 9.51 -7.25
N MET A 133 1.82 8.85 -7.65
CA MET A 133 1.71 7.55 -8.21
C MET A 133 1.80 6.44 -7.13
N LEU A 134 0.93 5.47 -7.29
CA LEU A 134 0.68 4.43 -6.32
C LEU A 134 1.68 3.30 -6.48
N SER A 135 2.02 2.69 -5.35
CA SER A 135 2.88 1.50 -5.28
C SER A 135 2.14 0.16 -5.20
N MET A 136 0.95 0.17 -4.61
CA MET A 136 -0.04 -0.89 -4.80
C MET A 136 -0.84 -0.46 -6.04
N GLY A 137 -1.92 -1.16 -6.32
CA GLY A 137 -2.88 -0.70 -7.32
C GLY A 137 -3.87 0.30 -6.77
N SER A 138 -5.04 0.39 -7.41
CA SER A 138 -6.06 1.37 -6.99
C SER A 138 -6.54 1.16 -5.54
N THR A 139 -6.27 -0.01 -4.96
CA THR A 139 -6.56 -0.18 -3.54
C THR A 139 -5.89 0.91 -2.72
N GLU A 140 -4.64 1.23 -3.04
CA GLU A 140 -3.93 2.33 -2.35
C GLU A 140 -4.64 3.69 -2.55
N GLY A 141 -5.13 3.92 -3.74
CA GLY A 141 -5.79 5.19 -4.07
C GLY A 141 -7.17 5.32 -3.42
N ASN A 142 -7.91 4.22 -3.37
CA ASN A 142 -9.17 4.21 -2.63
C ASN A 142 -8.95 4.36 -1.13
N MET A 143 -7.91 3.72 -0.59
CA MET A 143 -7.58 3.87 0.82
C MET A 143 -7.15 5.29 1.12
N TYR A 144 -6.31 5.85 0.27
CA TYR A 144 -5.87 7.21 0.45
C TYR A 144 -7.05 8.19 0.38
N ALA A 145 -7.95 7.99 -0.58
CA ALA A 145 -9.06 8.89 -0.75
C ALA A 145 -9.93 8.88 0.51
N LEU A 146 -10.19 7.70 1.03
CA LEU A 146 -11.07 7.60 2.21
C LEU A 146 -10.38 8.15 3.46
N TRP A 147 -9.06 7.98 3.54
CA TRP A 147 -8.28 8.54 4.64
C TRP A 147 -8.36 10.08 4.60
N ASN A 148 -8.05 10.62 3.44
CA ASN A 148 -8.10 12.04 3.13
C ASN A 148 -9.49 12.59 3.47
N ALA A 149 -10.54 11.90 3.02
CA ALA A 149 -11.90 12.37 3.26
C ALA A 149 -12.28 12.26 4.70
N ARG A 150 -11.93 11.15 5.35
CA ARG A 150 -12.21 10.97 6.75
C ARG A 150 -11.66 12.15 7.54
N ASP A 151 -10.38 12.50 7.31
CA ASP A 151 -9.74 13.56 8.10
C ASP A 151 -10.25 14.94 7.73
N TYR A 152 -10.56 15.13 6.44
CA TYR A 152 -11.05 16.42 5.97
C TYR A 152 -12.44 16.70 6.51
N LEU A 153 -13.31 15.70 6.44
CA LEU A 153 -14.69 15.82 6.85
C LEU A 153 -14.87 15.78 8.36
N SER A 154 -13.88 15.21 9.07
CA SER A 154 -13.93 15.10 10.53
C SER A 154 -13.27 16.27 11.22
N GLY A 155 -12.69 17.22 10.48
CA GLY A 155 -11.98 18.36 11.07
C GLY A 155 -10.54 18.23 11.56
N LYS A 156 -9.76 17.30 10.99
CA LYS A 156 -8.30 17.25 11.27
C LYS A 156 -7.58 18.33 10.49
N ALA A 157 -6.38 18.71 10.96
CA ALA A 157 -5.68 19.88 10.39
C ALA A 157 -5.23 19.70 8.90
N LEU A 158 -5.44 20.73 8.10
CA LEU A 158 -5.03 20.72 6.68
C LEU A 158 -3.57 21.08 6.52
N ILE A 159 -3.04 20.89 5.30
CA ILE A 159 -1.62 21.01 5.07
C ILE A 159 -1.18 22.46 5.13
N GLN A 160 0.09 22.65 5.50
CA GLN A 160 0.67 23.98 5.62
C GLN A 160 0.84 24.68 4.25
N PRO A 161 0.11 25.80 3.99
CA PRO A 161 0.45 26.60 2.80
C PRO A 161 1.76 27.41 3.01
N PRO A 162 2.42 27.87 1.92
CA PRO A 162 3.73 28.54 2.04
C PRO A 162 3.76 29.78 2.96
N ARG A 179 -27.63 22.78 18.09
CA ARG A 179 -26.37 22.69 17.34
C ARG A 179 -26.24 21.30 16.69
N ASN A 180 -25.03 20.87 16.31
CA ASN A 180 -24.84 19.63 15.53
C ASN A 180 -23.85 18.62 16.11
N PRO A 181 -24.33 17.61 16.86
CA PRO A 181 -23.45 16.59 17.40
C PRO A 181 -22.91 15.60 16.32
N ASN A 182 -23.41 15.69 15.09
CA ASN A 182 -22.97 14.80 14.01
C ASN A 182 -22.01 15.46 13.01
N ALA A 183 -21.64 16.73 13.24
CA ALA A 183 -20.81 17.50 12.30
C ALA A 183 -19.47 16.84 11.98
N HIS A 184 -18.94 16.05 12.92
CA HIS A 184 -17.65 15.39 12.78
C HIS A 184 -17.75 13.88 12.58
N HIS A 185 -18.92 13.36 12.19
CA HIS A 185 -19.17 11.92 12.05
C HIS A 185 -19.48 11.64 10.55
N PRO A 186 -18.44 11.49 9.72
CA PRO A 186 -18.76 11.26 8.29
C PRO A 186 -19.40 9.91 8.06
N VAL A 187 -20.23 9.83 7.00
CA VAL A 187 -20.97 8.64 6.62
C VAL A 187 -20.65 8.33 5.15
N ALA A 188 -20.27 7.08 4.86
CA ALA A 188 -19.91 6.65 3.49
C ALA A 188 -21.06 5.99 2.76
N PHE A 189 -21.14 6.30 1.46
CA PHE A 189 -22.15 5.79 0.55
C PHE A 189 -21.46 5.30 -0.73
N TYR A 190 -21.89 4.13 -1.19
CA TYR A 190 -21.46 3.63 -2.48
C TYR A 190 -22.38 2.48 -2.88
N SER A 191 -22.38 2.13 -4.17
CA SER A 191 -23.36 1.18 -4.69
C SER A 191 -23.00 -0.27 -4.36
N GLU A 192 -23.95 -1.15 -4.63
CA GLU A 192 -23.66 -2.58 -4.53
C GLU A 192 -22.65 -3.15 -5.51
N ASP A 193 -22.29 -2.40 -6.53
CA ASP A 193 -21.29 -2.84 -7.51
C ASP A 193 -19.89 -2.31 -7.17
N THR A 194 -19.74 -1.66 -6.03
CA THR A 194 -18.44 -1.15 -5.59
C THR A 194 -17.46 -2.29 -5.29
N HIS A 195 -16.20 -2.07 -5.67
CA HIS A 195 -15.15 -3.02 -5.43
C HIS A 195 -14.87 -3.25 -3.92
N TYR A 196 -14.45 -4.47 -3.62
CA TYR A 196 -14.17 -4.92 -2.23
C TYR A 196 -13.12 -4.10 -1.50
N SER A 197 -12.22 -3.43 -2.22
CA SER A 197 -11.30 -2.50 -1.61
C SER A 197 -11.95 -1.46 -0.73
N PHE A 198 -13.20 -1.06 -1.03
CA PHE A 198 -13.89 -0.12 -0.13
C PHE A 198 -14.32 -0.72 1.18
N ALA A 199 -14.80 -1.97 1.13
CA ALA A 199 -15.16 -2.66 2.38
C ALA A 199 -13.92 -2.80 3.26
N LYS A 200 -12.79 -3.10 2.62
CA LYS A 200 -11.51 -3.13 3.29
C LYS A 200 -11.08 -1.76 3.82
N ALA A 201 -11.13 -0.73 2.98
CA ALA A 201 -10.78 0.61 3.40
C ALA A 201 -11.63 1.12 4.56
N VAL A 202 -12.94 0.88 4.52
CA VAL A 202 -13.85 1.30 5.60
C VAL A 202 -13.44 0.68 6.94
N ALA A 203 -13.11 -0.61 6.90
CA ALA A 203 -12.65 -1.36 8.09
C ALA A 203 -11.31 -0.85 8.61
N VAL A 204 -10.37 -0.63 7.69
CA VAL A 204 -9.04 -0.13 8.05
C VAL A 204 -9.11 1.23 8.72
N LEU A 205 -9.83 2.15 8.08
CA LEU A 205 -9.87 3.53 8.48
C LEU A 205 -10.93 3.88 9.55
N GLY A 206 -11.78 2.94 9.88
CA GLY A 206 -12.89 3.21 10.82
C GLY A 206 -13.88 4.25 10.32
N VAL A 207 -14.19 4.20 9.04
CA VAL A 207 -15.19 5.09 8.47
C VAL A 207 -16.46 4.30 8.46
N GLU A 208 -17.56 4.88 8.93
CA GLU A 208 -18.80 4.13 9.00
C GLU A 208 -19.63 4.32 7.76
N THR A 209 -20.19 3.24 7.29
CA THR A 209 -21.05 3.28 6.11
C THR A 209 -22.41 3.73 6.57
N PHE A 210 -23.24 4.16 5.62
CA PHE A 210 -24.61 4.56 5.97
C PHE A 210 -25.39 3.40 6.60
N HIS A 211 -25.08 2.16 6.19
CA HIS A 211 -25.76 0.99 6.74
C HIS A 211 -25.45 0.82 8.25
N ALA A 212 -24.18 0.92 8.61
CA ALA A 212 -23.76 0.79 10.02
C ALA A 212 -24.35 1.90 10.89
N VAL A 213 -24.31 3.13 10.41
CA VAL A 213 -24.84 4.27 11.14
C VAL A 213 -26.36 4.17 11.25
N GLY A 214 -27.00 3.75 10.16
CA GLY A 214 -28.45 3.55 10.13
C GLY A 214 -28.89 2.58 11.20
N LEU A 215 -28.23 1.41 11.23
CA LEU A 215 -28.53 0.36 12.20
C LEU A 215 -28.29 0.79 13.63
N GLU A 216 -27.21 1.54 13.86
CA GLU A 216 -26.82 1.94 15.21
C GLU A 216 -27.66 3.08 15.76
N LYS A 217 -27.81 4.14 14.98
CA LYS A 217 -28.44 5.37 15.44
C LYS A 217 -29.88 5.55 15.00
N TYR A 218 -30.26 4.99 13.86
CA TYR A 218 -31.51 5.35 13.19
C TYR A 218 -32.25 4.07 12.75
N ALA A 219 -32.32 3.07 13.63
CA ALA A 219 -32.65 1.69 13.20
C ALA A 219 -34.01 1.57 12.51
N ASP A 220 -34.99 2.35 12.98
CA ASP A 220 -36.36 2.27 12.43
C ASP A 220 -36.69 3.35 11.41
N GLU A 221 -35.69 4.12 10.97
CA GLU A 221 -35.96 5.28 10.12
C GLU A 221 -35.47 5.14 8.70
N CYS A 222 -35.13 3.94 8.24
CA CYS A 222 -34.67 3.80 6.84
C CYS A 222 -35.70 4.39 5.89
N PRO A 223 -35.29 5.34 5.02
CA PRO A 223 -36.23 5.95 4.07
C PRO A 223 -36.57 5.12 2.82
N LEU A 224 -35.91 3.97 2.65
CA LEU A 224 -36.12 3.10 1.48
C LEU A 224 -36.88 1.85 1.89
N VAL A 225 -37.74 1.37 0.99
CA VAL A 225 -38.43 0.09 1.14
C VAL A 225 -37.69 -0.99 0.34
N ASP A 226 -37.41 -2.13 0.95
CA ASP A 226 -36.74 -3.26 0.28
C ASP A 226 -37.65 -3.84 -0.79
N PRO A 227 -37.17 -3.94 -2.04
CA PRO A 227 -38.07 -4.43 -3.10
C PRO A 227 -38.49 -5.89 -2.98
N VAL A 228 -37.74 -6.69 -2.23
CA VAL A 228 -38.09 -8.10 -2.05
C VAL A 228 -39.09 -8.28 -0.92
N THR A 229 -38.80 -7.68 0.23
CA THR A 229 -39.56 -7.94 1.44
C THR A 229 -40.64 -6.91 1.69
N GLY A 230 -40.49 -5.71 1.13
CA GLY A 230 -41.35 -4.58 1.44
C GLY A 230 -41.16 -3.97 2.82
N LEU A 231 -40.10 -4.36 3.55
CA LEU A 231 -39.79 -3.79 4.87
C LEU A 231 -38.79 -2.61 4.70
N ARG A 232 -38.75 -1.69 5.65
CA ARG A 232 -37.82 -0.56 5.62
C ARG A 232 -36.54 -0.97 6.33
N THR A 233 -35.87 -1.98 5.81
CA THR A 233 -34.60 -2.43 6.38
C THR A 233 -33.46 -1.70 5.67
N TRP A 234 -32.49 -1.25 6.44
CA TRP A 234 -31.33 -0.56 5.85
C TRP A 234 -30.61 -1.53 4.89
N PRO A 235 -30.47 -1.16 3.60
CA PRO A 235 -29.67 -2.02 2.72
C PRO A 235 -28.18 -1.89 3.05
N THR A 236 -27.37 -2.90 2.69
CA THR A 236 -26.00 -2.92 3.09
C THR A 236 -25.13 -1.97 2.27
N GLU A 237 -25.58 -1.65 1.05
CA GLU A 237 -24.95 -0.69 0.14
C GLU A 237 -26.05 0.07 -0.58
N VAL A 238 -25.70 1.18 -1.24
CA VAL A 238 -26.72 1.92 -2.00
C VAL A 238 -27.18 1.03 -3.13
N PRO A 239 -28.51 0.87 -3.31
CA PRO A 239 -28.98 0.06 -4.43
C PRO A 239 -28.41 0.49 -5.77
N SER A 240 -28.07 -0.53 -6.57
CA SER A 240 -27.83 -0.33 -7.99
C SER A 240 -29.16 -0.48 -8.74
N ARG A 241 -29.15 -0.08 -10.01
CA ARG A 241 -30.38 0.02 -10.79
C ARG A 241 -30.91 -1.38 -11.12
N PRO A 242 -32.23 -1.55 -11.13
CA PRO A 242 -32.78 -2.89 -11.40
C PRO A 242 -32.65 -3.34 -12.83
N GLY A 243 -32.58 -4.66 -13.03
CA GLY A 243 -32.71 -5.26 -14.36
C GLY A 243 -34.12 -5.74 -14.62
N PRO A 244 -34.33 -6.57 -15.67
CA PRO A 244 -35.63 -7.20 -15.98
C PRO A 244 -36.31 -7.94 -14.83
N SER A 245 -35.53 -8.55 -13.96
CA SER A 245 -35.98 -9.18 -12.71
C SER A 245 -36.65 -8.21 -11.72
N GLY A 246 -36.45 -6.89 -11.86
CA GLY A 246 -36.84 -5.90 -10.84
C GLY A 246 -35.85 -5.79 -9.68
N LEU A 247 -34.75 -6.52 -9.76
CA LEU A 247 -33.71 -6.52 -8.73
C LEU A 247 -32.38 -6.18 -9.39
N SER A 248 -31.38 -5.87 -8.58
CA SER A 248 -30.12 -5.35 -9.12
C SER A 248 -29.24 -6.41 -9.82
N TRP A 249 -29.41 -7.68 -9.49
CA TRP A 249 -28.50 -8.71 -10.01
C TRP A 249 -28.37 -8.74 -11.52
N ASP A 250 -29.46 -8.49 -12.25
CA ASP A 250 -29.40 -8.44 -13.72
C ASP A 250 -29.50 -7.01 -14.25
N GLY A 251 -29.25 -6.02 -13.39
CA GLY A 251 -29.26 -4.62 -13.78
C GLY A 251 -27.92 -4.22 -14.38
N PRO A 252 -27.81 -2.94 -14.80
CA PRO A 252 -26.61 -2.50 -15.52
C PRO A 252 -25.35 -2.38 -14.63
N GLY A 253 -25.53 -2.27 -13.31
CA GLY A 253 -24.45 -2.12 -12.34
C GLY A 253 -24.17 -0.68 -11.95
N GLU A 254 -25.00 0.23 -12.42
CA GLU A 254 -24.91 1.65 -12.12
C GLU A 254 -25.68 1.94 -10.84
N ILE A 255 -25.17 2.86 -10.04
CA ILE A 255 -25.87 3.28 -8.83
C ILE A 255 -27.25 3.87 -9.17
N ASP A 256 -28.22 3.56 -8.33
CA ASP A 256 -29.58 4.15 -8.42
C ASP A 256 -29.53 5.55 -7.80
N VAL A 257 -29.58 6.56 -8.66
CA VAL A 257 -29.35 7.93 -8.28
C VAL A 257 -30.45 8.42 -7.32
N ASP A 258 -31.69 8.04 -7.60
N ASP A 258 -31.68 8.03 -7.58
CA ASP A 258 -32.80 8.35 -6.69
CA ASP A 258 -32.76 8.39 -6.69
C ASP A 258 -32.54 7.82 -5.29
C ASP A 258 -32.58 7.81 -5.28
N ALA A 259 -32.17 6.54 -5.20
CA ALA A 259 -31.92 5.90 -3.91
C ALA A 259 -30.76 6.54 -3.18
N LEU A 260 -29.70 6.85 -3.91
CA LEU A 260 -28.58 7.58 -3.33
C LEU A 260 -29.01 8.93 -2.73
N ALA A 261 -29.82 9.67 -3.50
CA ALA A 261 -30.25 11.00 -3.09
C ALA A 261 -31.11 10.94 -1.83
N VAL A 262 -32.00 9.95 -1.78
CA VAL A 262 -32.85 9.77 -0.59
C VAL A 262 -31.99 9.48 0.65
N LEU A 263 -31.00 8.60 0.49
CA LEU A 263 -30.11 8.22 1.59
C LEU A 263 -29.21 9.37 2.04
N VAL A 264 -28.62 10.08 1.08
CA VAL A 264 -27.73 11.18 1.40
C VAL A 264 -28.54 12.29 2.11
N GLU A 265 -29.71 12.60 1.59
CA GLU A 265 -30.54 13.63 2.26
C GLU A 265 -30.84 13.27 3.71
N PHE A 266 -31.15 12.00 3.93
CA PHE A 266 -31.46 11.53 5.29
C PHE A 266 -30.32 11.86 6.26
N PHE A 267 -29.11 11.49 5.90
CA PHE A 267 -27.97 11.69 6.79
C PHE A 267 -27.53 13.12 6.81
N ALA A 268 -27.65 13.82 5.67
CA ALA A 268 -27.30 15.24 5.63
C ALA A 268 -28.20 16.04 6.56
N ALA A 269 -29.49 15.73 6.53
CA ALA A 269 -30.48 16.39 7.39
C ALA A 269 -30.20 16.16 8.88
N LYS A 270 -29.65 14.99 9.21
CA LYS A 270 -29.21 14.69 10.59
C LYS A 270 -27.94 15.47 11.00
N GLY A 271 -27.23 16.08 10.04
CA GLY A 271 -26.03 16.87 10.33
C GLY A 271 -24.72 16.21 9.98
N HIS A 272 -24.78 14.99 9.42
CA HIS A 272 -23.54 14.25 9.06
C HIS A 272 -22.90 14.84 7.81
N PRO A 273 -21.57 14.94 7.79
CA PRO A 273 -20.91 15.14 6.51
C PRO A 273 -20.88 13.78 5.73
N VAL A 274 -20.65 13.85 4.42
CA VAL A 274 -20.91 12.73 3.53
C VAL A 274 -19.75 12.44 2.57
N PHE A 275 -19.39 11.18 2.49
CA PHE A 275 -18.45 10.70 1.49
C PHE A 275 -19.22 9.80 0.51
N VAL A 276 -19.08 10.07 -0.79
CA VAL A 276 -19.72 9.27 -1.80
C VAL A 276 -18.63 8.74 -2.76
N ASN A 277 -18.58 7.43 -2.94
CA ASN A 277 -17.74 6.83 -3.98
C ASN A 277 -18.63 6.47 -5.16
N LEU A 278 -18.19 6.86 -6.36
CA LEU A 278 -18.86 6.55 -7.60
C LEU A 278 -17.90 5.72 -8.47
N ASN A 279 -18.45 4.67 -9.06
CA ASN A 279 -17.66 3.71 -9.85
C ASN A 279 -17.62 4.06 -11.31
N LEU A 280 -16.43 4.29 -11.84
CA LEU A 280 -16.29 4.62 -13.26
C LEU A 280 -15.59 3.44 -13.98
N GLY A 281 -16.40 2.42 -14.28
CA GLY A 281 -15.93 1.15 -14.80
C GLY A 281 -15.90 0.15 -13.68
N SER A 282 -17.09 -0.33 -13.28
CA SER A 282 -17.23 -1.20 -12.13
C SER A 282 -16.57 -2.57 -12.36
N THR A 283 -16.23 -3.25 -11.26
CA THR A 283 -15.39 -4.43 -11.38
C THR A 283 -15.99 -5.55 -12.20
N PHE A 284 -17.24 -5.90 -11.93
CA PHE A 284 -17.81 -7.02 -12.69
C PHE A 284 -18.54 -6.65 -13.97
N LYS A 285 -19.34 -5.60 -13.92
CA LYS A 285 -20.17 -5.23 -15.07
C LYS A 285 -19.58 -4.12 -15.91
N GLY A 286 -18.46 -3.52 -15.49
CA GLY A 286 -17.86 -2.43 -16.22
C GLY A 286 -18.74 -1.19 -16.35
N ALA A 287 -19.69 -1.02 -15.42
CA ALA A 287 -20.64 0.07 -15.47
C ALA A 287 -19.99 1.40 -15.06
N HIS A 288 -20.62 2.48 -15.51
CA HIS A 288 -20.19 3.81 -15.19
C HIS A 288 -21.32 4.48 -14.46
N ASP A 289 -21.15 4.73 -13.17
CA ASP A 289 -22.11 5.54 -12.41
C ASP A 289 -22.26 6.89 -13.07
N ASP A 290 -23.47 7.45 -13.11
CA ASP A 290 -23.68 8.71 -13.78
C ASP A 290 -23.24 9.83 -12.87
N VAL A 291 -21.94 10.15 -12.93
CA VAL A 291 -21.36 11.07 -11.97
C VAL A 291 -22.04 12.46 -12.05
N ARG A 292 -22.27 12.94 -13.27
CA ARG A 292 -22.91 14.25 -13.49
C ARG A 292 -24.32 14.25 -12.87
N ALA A 293 -25.12 13.22 -13.18
CA ALA A 293 -26.48 13.11 -12.60
C ALA A 293 -26.45 13.10 -11.10
N VAL A 294 -25.50 12.34 -10.53
CA VAL A 294 -25.34 12.28 -9.08
C VAL A 294 -25.04 13.69 -8.52
N CYS A 295 -24.08 14.37 -9.12
CA CYS A 295 -23.68 15.68 -8.65
C CYS A 295 -24.83 16.69 -8.77
N GLU A 296 -25.56 16.67 -9.89
CA GLU A 296 -26.73 17.54 -10.07
C GLU A 296 -27.80 17.29 -9.01
N ARG A 297 -28.01 16.03 -8.65
N ARG A 297 -28.01 16.03 -8.66
CA ARG A 297 -29.03 15.68 -7.68
CA ARG A 297 -29.00 15.66 -7.67
C ARG A 297 -28.59 15.96 -6.24
C ARG A 297 -28.56 16.04 -6.25
N LEU A 298 -27.30 15.79 -5.94
CA LEU A 298 -26.79 16.04 -4.60
C LEU A 298 -26.51 17.47 -4.24
N LEU A 299 -26.11 18.32 -5.18
CA LEU A 299 -25.77 19.69 -4.82
C LEU A 299 -26.91 20.43 -4.06
N PRO A 300 -28.16 20.32 -4.53
CA PRO A 300 -29.22 21.04 -3.77
C PRO A 300 -29.44 20.53 -2.35
N ILE A 301 -29.22 19.23 -2.16
CA ILE A 301 -29.23 18.61 -0.87
C ILE A 301 -28.12 19.19 0.03
N PHE A 302 -26.90 19.27 -0.53
CA PHE A 302 -25.79 19.87 0.20
C PHE A 302 -26.06 21.35 0.53
N GLU A 303 -26.66 22.10 -0.38
CA GLU A 303 -26.92 23.52 -0.15
C GLU A 303 -27.97 23.70 0.96
N ARG A 304 -29.03 22.89 0.90
CA ARG A 304 -30.12 22.93 1.88
C ARG A 304 -29.64 22.61 3.31
N HIS A 305 -28.66 21.72 3.45
CA HIS A 305 -28.21 21.29 4.75
C HIS A 305 -26.85 21.82 5.18
N GLY A 306 -26.40 22.86 4.49
CA GLY A 306 -25.23 23.62 4.88
C GLY A 306 -23.93 22.86 4.70
N LEU A 307 -23.87 22.01 3.69
CA LEU A 307 -22.66 21.22 3.44
C LEU A 307 -21.75 21.74 2.34
N VAL A 308 -22.08 22.84 1.70
CA VAL A 308 -21.16 23.40 0.71
C VAL A 308 -20.03 24.16 1.39
N GLN A 309 -20.38 24.97 2.38
CA GLN A 309 -19.38 25.73 3.13
C GLN A 309 -19.80 25.69 4.56
N ARG A 310 -18.97 25.10 5.41
N ARG A 310 -19.02 25.02 5.41
CA ARG A 310 -19.29 25.05 6.82
CA ARG A 310 -19.35 24.97 6.84
C ARG A 310 -18.07 25.28 7.66
C ARG A 310 -18.10 25.13 7.71
N GLU A 311 -18.31 25.73 8.88
CA GLU A 311 -17.25 25.95 9.88
C GLU A 311 -16.93 24.64 10.55
N VAL A 312 -15.64 24.34 10.68
CA VAL A 312 -15.21 23.09 11.28
C VAL A 312 -14.23 23.40 12.41
N VAL A 313 -14.36 22.73 13.54
CA VAL A 313 -13.40 22.86 14.66
C VAL A 313 -12.27 21.83 14.49
N TYR A 314 -11.03 22.32 14.41
CA TYR A 314 -9.84 21.49 14.19
C TYR A 314 -8.80 21.60 15.31
N GLY A 315 -9.27 22.01 16.50
CA GLY A 315 -8.41 22.16 17.67
C GLY A 315 -9.00 23.15 18.66
N SER A 316 -8.24 23.41 19.72
CA SER A 316 -8.55 24.48 20.68
C SER A 316 -7.26 25.27 20.97
N CYS A 317 -7.39 26.59 21.04
CA CYS A 317 -6.26 27.54 21.05
C CYS A 317 -5.24 27.32 22.21
N PRO A 318 -3.91 27.38 21.93
CA PRO A 318 -2.82 27.04 22.89
C PRO A 318 -2.90 27.54 24.35
N GLN A 319 -3.48 28.72 24.58
CA GLN A 319 -3.71 29.23 25.95
C GLN A 319 -5.14 28.85 26.40
N THR A 320 -6.14 29.67 26.05
CA THR A 320 -7.54 29.34 26.32
C THR A 320 -8.04 28.48 25.17
N GLY A 321 -8.57 27.29 25.49
CA GLY A 321 -8.95 26.32 24.46
C GLY A 321 -10.22 26.65 23.71
N ARG A 322 -10.19 27.75 22.94
CA ARG A 322 -11.31 28.17 22.11
C ARG A 322 -11.15 27.49 20.77
N PRO A 323 -12.26 26.96 20.19
CA PRO A 323 -12.14 26.22 18.91
C PRO A 323 -11.47 27.00 17.78
N LEU A 324 -10.30 26.54 17.33
CA LEU A 324 -9.70 27.03 16.08
C LEU A 324 -10.54 26.49 14.92
N VAL A 325 -10.84 27.35 13.93
CA VAL A 325 -11.85 27.04 12.89
C VAL A 325 -11.46 27.57 11.49
N ASP A 326 -11.68 26.74 10.47
CA ASP A 326 -11.71 27.18 9.07
C ASP A 326 -12.97 26.65 8.39
N VAL A 327 -13.14 27.06 7.15
CA VAL A 327 -14.34 26.76 6.39
C VAL A 327 -13.95 25.66 5.39
N ARG A 328 -14.77 24.61 5.37
CA ARG A 328 -14.54 23.44 4.50
C ARG A 328 -15.85 23.03 3.86
N ARG A 329 -15.81 22.22 2.81
CA ARG A 329 -17.06 21.58 2.41
C ARG A 329 -17.32 20.39 3.32
N GLY A 330 -18.58 19.99 3.39
CA GLY A 330 -19.02 18.88 4.21
C GLY A 330 -19.39 17.64 3.40
N PHE A 331 -18.91 17.60 2.16
CA PHE A 331 -19.10 16.39 1.34
C PHE A 331 -17.81 16.15 0.58
N TRP A 332 -17.63 14.88 0.18
CA TRP A 332 -16.46 14.49 -0.64
C TRP A 332 -16.91 13.46 -1.63
N ILE A 333 -16.83 13.77 -2.92
CA ILE A 333 -17.15 12.83 -3.97
C ILE A 333 -15.84 12.30 -4.57
N HIS A 334 -15.67 11.00 -4.45
CA HIS A 334 -14.55 10.26 -5.03
C HIS A 334 -15.03 9.44 -6.23
N VAL A 335 -14.24 9.46 -7.30
CA VAL A 335 -14.49 8.60 -8.46
C VAL A 335 -13.46 7.46 -8.46
N ASP A 336 -13.93 6.22 -8.31
CA ASP A 336 -13.08 5.06 -8.43
C ASP A 336 -13.03 4.73 -9.93
N GLY A 337 -12.04 5.34 -10.58
CA GLY A 337 -11.74 5.14 -11.97
C GLY A 337 -10.62 4.15 -12.21
N ALA A 338 -10.42 3.23 -11.28
CA ALA A 338 -9.35 2.21 -11.41
C ALA A 338 -9.19 1.77 -12.86
N LEU A 339 -10.31 1.37 -13.46
CA LEU A 339 -10.36 1.05 -14.88
C LEU A 339 -10.69 2.30 -15.73
N GLY A 340 -11.87 2.84 -15.51
CA GLY A 340 -12.45 3.79 -16.47
C GLY A 340 -11.81 5.13 -16.62
N ALA A 341 -11.05 5.59 -15.64
CA ALA A 341 -10.39 6.89 -15.75
C ALA A 341 -9.29 6.87 -16.80
N GLY A 342 -8.89 5.67 -17.19
CA GLY A 342 -7.88 5.51 -18.26
C GLY A 342 -8.42 5.64 -19.66
N TYR A 343 -9.70 5.30 -19.88
CA TYR A 343 -10.32 5.39 -21.24
C TYR A 343 -11.44 6.42 -21.40
N ALA A 344 -12.15 6.73 -20.32
CA ALA A 344 -13.34 7.54 -20.43
C ALA A 344 -13.07 8.92 -21.02
N PRO A 345 -11.92 9.56 -20.66
CA PRO A 345 -11.63 10.85 -21.34
C PRO A 345 -11.58 10.76 -22.86
N PHE A 346 -10.99 9.69 -23.37
CA PHE A 346 -10.86 9.51 -24.80
C PHE A 346 -12.19 9.23 -25.49
N LEU A 347 -13.05 8.44 -24.86
CA LEU A 347 -14.37 8.23 -25.44
C LEU A 347 -15.13 9.59 -25.49
N ARG A 348 -15.05 10.36 -24.42
CA ARG A 348 -15.77 11.64 -24.34
C ARG A 348 -15.17 12.69 -25.33
N LEU A 349 -13.88 12.61 -25.61
CA LEU A 349 -13.27 13.39 -26.69
C LEU A 349 -13.96 13.11 -28.04
N ALA A 350 -14.18 11.83 -28.34
CA ALA A 350 -14.83 11.46 -29.59
C ALA A 350 -16.30 11.89 -29.57
N ALA A 351 -16.98 11.69 -28.45
CA ALA A 351 -18.39 12.10 -28.32
C ALA A 351 -18.57 13.60 -28.58
N GLU A 352 -17.59 14.41 -28.17
CA GLU A 352 -17.58 15.85 -28.38
C GLU A 352 -17.32 16.25 -29.84
N ASP A 353 -16.56 15.45 -30.58
CA ASP A 353 -16.22 15.72 -31.98
C ASP A 353 -16.23 14.44 -32.84
N PRO A 354 -17.41 13.84 -33.07
CA PRO A 354 -17.48 12.53 -33.69
C PRO A 354 -17.04 12.50 -35.15
N GLU A 355 -17.24 13.60 -35.86
CA GLU A 355 -16.84 13.64 -37.26
C GLU A 355 -15.32 13.83 -37.35
N GLY A 356 -14.72 14.58 -36.43
CA GLY A 356 -13.25 14.74 -36.36
C GLY A 356 -12.49 13.47 -36.02
N TYR A 357 -13.07 12.61 -35.17
CA TYR A 357 -12.44 11.34 -34.81
C TYR A 357 -12.98 10.19 -35.67
N GLY A 358 -13.99 10.46 -36.48
CA GLY A 358 -14.59 9.43 -37.31
C GLY A 358 -15.30 8.32 -36.56
N TRP A 359 -15.87 8.67 -35.41
CA TRP A 359 -16.54 7.68 -34.57
C TRP A 359 -17.51 8.40 -33.67
N THR A 360 -18.76 7.92 -33.67
CA THR A 360 -19.74 8.30 -32.66
C THR A 360 -19.88 7.16 -31.68
N PRO A 361 -19.40 7.34 -30.44
CA PRO A 361 -19.64 6.28 -29.48
C PRO A 361 -21.14 5.98 -29.31
N GLU A 362 -21.49 4.71 -29.23
CA GLU A 362 -22.92 4.37 -29.14
C GLU A 362 -23.53 4.65 -27.75
N ALA A 363 -22.72 4.60 -26.70
CA ALA A 363 -23.17 4.94 -25.35
C ALA A 363 -22.56 6.28 -24.92
N GLU A 364 -23.28 6.99 -24.07
CA GLU A 364 -22.82 8.25 -23.52
C GLU A 364 -22.11 7.93 -22.21
N LEU A 365 -20.87 8.37 -22.05
CA LEU A 365 -20.19 8.21 -20.76
C LEU A 365 -20.30 9.55 -20.04
N PRO A 366 -20.64 9.51 -18.75
CA PRO A 366 -20.93 10.75 -18.03
C PRO A 366 -19.70 11.60 -17.78
N GLU A 367 -19.88 12.91 -17.76
CA GLU A 367 -18.86 13.81 -17.23
C GLU A 367 -18.58 13.41 -15.78
N PHE A 368 -17.31 13.29 -15.42
CA PHE A 368 -16.93 12.72 -14.13
C PHE A 368 -15.76 13.37 -13.42
N ASP A 369 -15.10 14.34 -14.05
CA ASP A 369 -13.76 14.68 -13.65
C ASP A 369 -13.70 16.00 -12.91
N PHE A 370 -12.49 16.55 -12.78
CA PHE A 370 -12.27 17.78 -11.97
C PHE A 370 -12.85 19.03 -12.63
N GLY A 371 -13.26 18.91 -13.88
CA GLY A 371 -13.84 20.00 -14.64
C GLY A 371 -15.34 20.13 -14.46
N LEU A 372 -15.95 19.17 -13.77
CA LEU A 372 -17.40 19.15 -13.56
C LEU A 372 -17.75 20.19 -12.50
N ARG A 373 -18.42 21.27 -12.94
CA ARG A 373 -18.69 22.45 -12.13
C ARG A 373 -20.17 22.77 -12.31
N LEU A 374 -20.88 22.94 -11.20
CA LEU A 374 -22.33 23.20 -11.25
C LEU A 374 -22.65 24.55 -10.66
N PRO A 375 -23.73 25.19 -11.15
CA PRO A 375 -24.19 26.43 -10.54
C PRO A 375 -24.81 26.24 -9.16
N THR A 376 -24.53 27.15 -8.24
CA THR A 376 -25.18 27.16 -6.93
C THR A 376 -26.50 27.93 -7.04
N ALA A 377 -27.30 27.90 -5.97
CA ALA A 377 -28.54 28.71 -5.89
C ALA A 377 -28.31 30.22 -6.17
N GLY A 378 -27.18 30.75 -5.68
CA GLY A 378 -26.78 32.16 -5.90
C GLY A 378 -25.99 32.46 -7.16
N HIS A 379 -25.93 31.48 -8.07
CA HIS A 379 -25.31 31.63 -9.39
C HIS A 379 -23.79 31.77 -9.32
N GLY A 380 -23.22 31.24 -8.24
CA GLY A 380 -21.80 30.89 -8.16
C GLY A 380 -21.61 29.53 -8.82
N GLU A 381 -20.40 28.99 -8.69
CA GLU A 381 -20.04 27.65 -9.24
C GLU A 381 -19.39 26.83 -8.15
N VAL A 382 -19.63 25.51 -8.19
CA VAL A 382 -18.98 24.58 -7.28
C VAL A 382 -18.38 23.44 -8.12
N ASP A 383 -17.10 23.21 -7.90
CA ASP A 383 -16.37 22.06 -8.46
C ASP A 383 -16.68 20.80 -7.63
N MET A 384 -17.33 19.82 -8.25
CA MET A 384 -18.01 18.79 -7.48
C MET A 384 -17.18 17.60 -7.01
N VAL A 385 -16.18 17.20 -7.78
CA VAL A 385 -15.41 15.99 -7.48
C VAL A 385 -14.17 16.37 -6.71
N SER A 386 -13.88 15.61 -5.65
CA SER A 386 -12.73 15.87 -4.80
C SER A 386 -11.53 14.98 -5.12
N SER A 387 -11.77 13.79 -5.65
CA SER A 387 -10.65 12.88 -5.89
C SER A 387 -10.99 11.84 -6.92
N ILE A 388 -9.93 11.33 -7.54
CA ILE A 388 -10.04 10.26 -8.56
C ILE A 388 -8.89 9.28 -8.33
N ALA A 389 -9.17 7.99 -8.52
CA ALA A 389 -8.13 6.95 -8.55
C ALA A 389 -8.15 6.26 -9.89
N MET A 390 -6.98 5.83 -10.34
CA MET A 390 -6.85 5.02 -11.55
C MET A 390 -5.73 3.98 -11.37
N SER A 391 -5.91 2.83 -11.97
CA SER A 391 -4.87 1.79 -12.03
C SER A 391 -4.12 1.83 -13.34
N GLY A 392 -2.79 1.82 -13.31
CA GLY A 392 -2.02 1.76 -14.56
C GLY A 392 -1.93 0.38 -15.19
N HIS A 393 -2.05 -0.65 -14.36
CA HIS A 393 -2.06 -2.07 -14.83
C HIS A 393 -3.38 -2.53 -15.42
N LYS A 394 -4.40 -1.66 -15.42
CA LYS A 394 -5.67 -1.95 -16.04
C LYS A 394 -5.67 -1.50 -17.50
N TRP A 395 -6.18 -0.31 -17.82
CA TRP A 395 -6.27 0.07 -19.23
C TRP A 395 -4.90 0.25 -19.96
N ALA A 396 -3.94 0.95 -19.34
CA ALA A 396 -2.64 1.12 -20.00
C ALA A 396 -1.86 -0.20 -20.12
N GLY A 397 -1.84 -0.98 -19.03
CA GLY A 397 -1.02 -2.18 -18.89
C GLY A 397 0.29 -1.82 -18.16
N ALA A 398 0.71 -2.68 -17.24
CA ALA A 398 1.98 -2.56 -16.58
C ALA A 398 2.38 -3.96 -16.15
N PRO A 399 3.66 -4.16 -15.82
CA PRO A 399 4.06 -5.48 -15.34
C PRO A 399 3.76 -5.72 -13.87
N TRP A 400 3.27 -4.68 -13.17
CA TRP A 400 2.95 -4.80 -11.77
C TRP A 400 1.91 -3.73 -11.45
N PRO A 401 1.24 -3.88 -10.30
CA PRO A 401 0.25 -2.87 -9.93
C PRO A 401 0.82 -1.49 -9.72
N CYS A 402 0.07 -0.49 -10.19
CA CYS A 402 0.44 0.91 -10.07
C CYS A 402 -0.79 1.76 -10.36
N GLY A 403 -0.68 3.07 -10.25
CA GLY A 403 -1.81 3.90 -10.53
C GLY A 403 -1.58 5.31 -10.09
N ILE A 404 -2.68 6.06 -10.01
CA ILE A 404 -2.64 7.45 -9.62
C ILE A 404 -3.73 7.72 -8.61
N TYR A 405 -3.39 8.48 -7.57
CA TYR A 405 -4.38 9.19 -6.77
C TYR A 405 -4.28 10.69 -7.09
N MET A 406 -5.41 11.35 -7.32
CA MET A 406 -5.37 12.82 -7.56
C MET A 406 -6.51 13.50 -6.79
N THR A 407 -6.19 14.65 -6.23
CA THR A 407 -7.12 15.49 -5.51
C THR A 407 -6.71 16.95 -5.81
N LYS A 408 -7.08 17.88 -4.93
CA LYS A 408 -6.68 19.28 -5.02
C LYS A 408 -5.98 19.69 -3.75
N VAL A 409 -5.15 20.72 -3.88
CA VAL A 409 -4.38 21.27 -2.80
C VAL A 409 -5.25 21.62 -1.60
N LYS A 410 -6.43 22.18 -1.86
CA LYS A 410 -7.32 22.59 -0.77
C LYS A 410 -7.75 21.47 0.18
N TYR A 411 -7.67 20.22 -0.27
CA TYR A 411 -8.03 19.05 0.55
C TYR A 411 -6.90 18.37 1.26
N GLN A 412 -5.65 18.75 0.97
CA GLN A 412 -4.50 18.03 1.54
C GLN A 412 -4.50 18.16 3.05
N ILE A 413 -4.30 17.01 3.70
CA ILE A 413 -4.27 16.92 5.16
C ILE A 413 -2.83 17.10 5.60
N SER A 414 -2.67 17.65 6.80
CA SER A 414 -1.33 17.75 7.40
C SER A 414 -0.73 16.34 7.54
N PRO A 415 0.53 16.12 7.07
CA PRO A 415 1.18 14.79 7.17
C PRO A 415 1.18 14.23 8.59
N PRO A 416 1.17 12.88 8.74
CA PRO A 416 1.14 12.33 10.12
C PRO A 416 2.30 12.79 11.01
N SER A 417 3.50 12.90 10.42
CA SER A 417 4.72 13.39 11.10
C SER A 417 5.61 14.21 10.15
N GLN A 418 6.68 14.81 10.72
CA GLN A 418 7.74 15.50 9.94
C GLN A 418 9.07 14.69 9.95
N PRO A 419 9.36 13.95 8.85
CA PRO A 419 10.61 13.19 8.74
C PRO A 419 11.82 13.94 8.14
N ASP A 420 12.93 13.98 8.88
CA ASP A 420 14.21 14.54 8.38
C ASP A 420 14.84 13.69 7.27
N TYR A 421 14.91 12.38 7.55
CA TYR A 421 15.75 11.41 6.77
C TYR A 421 15.30 11.09 5.34
N ILE A 422 14.11 11.55 4.96
CA ILE A 422 13.69 11.43 3.57
C ILE A 422 13.83 12.76 2.79
N GLY A 423 13.76 13.91 3.48
CA GLY A 423 13.86 15.25 2.87
C GLY A 423 12.49 15.76 2.46
N ALA A 424 11.86 15.03 1.54
CA ALA A 424 10.54 15.36 1.01
C ALA A 424 9.43 15.08 2.07
N PRO A 425 8.33 15.87 2.07
CA PRO A 425 7.26 15.55 3.05
C PRO A 425 6.63 14.16 2.88
N ASP A 426 6.16 13.59 3.99
CA ASP A 426 5.49 12.27 3.98
C ASP A 426 4.00 12.46 3.76
N THR A 427 3.63 12.66 2.51
CA THR A 427 2.29 13.07 2.18
C THR A 427 1.53 11.94 1.48
N THR A 428 2.11 10.74 1.42
CA THR A 428 1.53 9.63 0.67
C THR A 428 1.15 8.48 1.58
N PHE A 429 0.44 7.50 1.04
CA PHE A 429 0.11 6.29 1.81
C PHE A 429 1.37 5.41 1.93
N ALA A 430 1.97 5.10 0.79
CA ALA A 430 3.28 4.40 0.78
C ALA A 430 4.34 5.23 1.43
N GLY A 431 5.41 4.57 1.88
CA GLY A 431 6.64 5.23 2.32
C GLY A 431 7.58 5.29 1.13
N SER A 432 8.52 4.36 1.02
CA SER A 432 9.19 4.13 -0.26
C SER A 432 8.17 3.95 -1.34
N ARG A 433 8.45 4.49 -2.52
CA ARG A 433 7.48 4.37 -3.58
C ARG A 433 8.13 3.86 -4.83
N ASN A 434 7.36 3.06 -5.57
CA ASN A 434 7.78 2.53 -6.86
C ASN A 434 8.03 3.65 -7.87
N GLY A 435 9.28 3.82 -8.25
CA GLY A 435 9.67 4.82 -9.24
C GLY A 435 9.95 4.21 -10.60
N PHE A 436 9.67 2.92 -10.74
CA PHE A 436 9.74 2.28 -12.03
C PHE A 436 8.39 2.47 -12.76
N SER A 437 7.28 2.42 -12.00
CA SER A 437 5.97 2.63 -12.59
C SER A 437 5.83 3.96 -13.35
N PRO A 438 6.40 5.07 -12.84
CA PRO A 438 6.34 6.29 -13.67
C PRO A 438 6.98 6.07 -15.04
N LEU A 439 8.08 5.33 -15.10
CA LEU A 439 8.72 5.06 -16.40
C LEU A 439 7.81 4.26 -17.31
N ILE A 440 7.17 3.22 -16.75
CA ILE A 440 6.21 2.40 -17.53
C ILE A 440 5.12 3.28 -18.13
N LEU A 441 4.46 4.10 -17.30
CA LEU A 441 3.36 4.88 -17.83
C LEU A 441 3.83 6.01 -18.74
N TRP A 442 4.96 6.63 -18.43
CA TRP A 442 5.47 7.69 -19.29
C TRP A 442 5.74 7.12 -20.71
N ASP A 443 6.40 5.97 -20.74
CA ASP A 443 6.72 5.32 -21.99
C ASP A 443 5.46 5.03 -22.79
N HIS A 444 4.45 4.48 -22.10
CA HIS A 444 3.14 4.22 -22.74
C HIS A 444 2.55 5.48 -23.31
N LEU A 445 2.41 6.51 -22.49
CA LEU A 445 1.69 7.72 -22.87
C LEU A 445 2.41 8.45 -24.01
N SER A 446 3.74 8.34 -24.02
CA SER A 446 4.57 9.01 -25.01
C SER A 446 4.38 8.40 -26.40
N ARG A 447 3.93 7.15 -26.48
CA ARG A 447 3.81 6.44 -27.76
C ARG A 447 2.51 6.68 -28.47
N TYR A 448 1.52 7.25 -27.79
CA TYR A 448 0.17 7.37 -28.33
C TYR A 448 -0.28 8.82 -28.33
N SER A 449 -0.85 9.27 -29.43
CA SER A 449 -1.56 10.52 -29.46
C SER A 449 -2.96 10.34 -28.84
N TYR A 450 -3.60 11.46 -28.58
CA TYR A 450 -5.02 11.44 -28.16
C TYR A 450 -5.82 10.64 -29.21
N ARG A 451 -5.58 10.91 -30.49
CA ARG A 451 -6.28 10.16 -31.55
C ARG A 451 -6.01 8.63 -31.47
N ASP A 452 -4.78 8.22 -31.21
CA ASP A 452 -4.49 6.79 -31.04
C ASP A 452 -5.23 6.21 -29.83
N GLN A 453 -5.30 6.99 -28.75
CA GLN A 453 -6.02 6.53 -27.55
C GLN A 453 -7.53 6.42 -27.80
N VAL A 454 -8.09 7.34 -28.57
CA VAL A 454 -9.49 7.23 -29.01
C VAL A 454 -9.68 5.93 -29.83
N GLU A 455 -8.76 5.63 -30.75
CA GLU A 455 -8.86 4.36 -31.49
C GLU A 455 -8.84 3.13 -30.61
N ARG A 456 -8.05 3.13 -29.54
N ARG A 456 -8.02 3.15 -29.56
CA ARG A 456 -7.99 1.98 -28.65
CA ARG A 456 -7.94 2.07 -28.57
C ARG A 456 -9.32 1.72 -27.93
C ARG A 456 -9.31 1.75 -27.97
N ILE A 457 -9.98 2.78 -27.47
CA ILE A 457 -11.27 2.60 -26.80
C ILE A 457 -12.36 2.31 -27.81
N ARG A 458 -12.27 2.94 -28.99
CA ARG A 458 -13.21 2.59 -30.09
C ARG A 458 -13.19 1.10 -30.41
N GLU A 459 -12.00 0.57 -30.64
CA GLU A 459 -11.86 -0.83 -31.04
C GLU A 459 -12.40 -1.74 -29.94
N ALA A 460 -12.12 -1.40 -28.68
CA ALA A 460 -12.61 -2.22 -27.58
C ALA A 460 -14.14 -2.19 -27.47
N GLN A 461 -14.74 -0.99 -27.62
CA GLN A 461 -16.20 -0.88 -27.59
C GLN A 461 -16.84 -1.68 -28.70
N GLU A 462 -16.28 -1.59 -29.89
CA GLU A 462 -16.83 -2.30 -31.04
C GLU A 462 -16.68 -3.83 -30.88
N LEU A 463 -15.54 -4.26 -30.32
CA LEU A 463 -15.34 -5.69 -30.10
C LEU A 463 -16.21 -6.23 -28.96
N ALA A 464 -16.48 -5.43 -27.92
CA ALA A 464 -17.42 -5.88 -26.88
C ALA A 464 -18.82 -6.08 -27.46
N ALA A 465 -19.22 -5.17 -28.33
CA ALA A 465 -20.52 -5.24 -28.99
C ALA A 465 -20.56 -6.49 -29.91
N TYR A 466 -19.49 -6.73 -30.63
CA TYR A 466 -19.34 -7.95 -31.45
C TYR A 466 -19.45 -9.23 -30.60
N LEU A 467 -18.73 -9.27 -29.48
CA LEU A 467 -18.83 -10.43 -28.59
C LEU A 467 -20.27 -10.71 -28.13
N GLU A 468 -20.98 -9.65 -27.74
CA GLU A 468 -22.35 -9.82 -27.31
C GLU A 468 -23.22 -10.39 -28.45
N ARG A 469 -23.03 -9.88 -29.65
CA ARG A 469 -23.80 -10.35 -30.83
C ARG A 469 -23.50 -11.83 -31.09
N ARG A 470 -22.22 -12.19 -31.07
CA ARG A 470 -21.83 -13.58 -31.30
C ARG A 470 -22.38 -14.54 -30.25
N LEU A 471 -22.42 -14.12 -28.98
CA LEU A 471 -22.97 -14.95 -27.92
C LEU A 471 -24.46 -15.21 -28.12
N THR A 472 -25.20 -14.19 -28.54
CA THR A 472 -26.62 -14.39 -28.76
C THR A 472 -26.88 -15.22 -29.99
N ALA A 473 -26.08 -15.05 -31.04
CA ALA A 473 -26.12 -15.92 -32.22
C ALA A 473 -25.83 -17.38 -31.84
N MET A 474 -24.88 -17.59 -30.94
CA MET A 474 -24.57 -18.96 -30.42
C MET A 474 -25.76 -19.58 -29.68
N GLU A 475 -26.49 -18.78 -28.91
CA GLU A 475 -27.68 -19.29 -28.22
C GLU A 475 -28.70 -19.79 -29.26
N ARG A 476 -28.86 -19.05 -30.35
CA ARG A 476 -29.84 -19.42 -31.38
C ARG A 476 -29.38 -20.61 -32.21
N GLU A 477 -28.09 -20.69 -32.52
CA GLU A 477 -27.54 -21.81 -33.28
C GLU A 477 -27.53 -23.12 -32.51
N LEU A 478 -27.14 -23.09 -31.24
CA LEU A 478 -27.01 -24.30 -30.43
C LEU A 478 -28.21 -24.61 -29.58
N GLY A 479 -29.11 -23.63 -29.40
CA GLY A 479 -30.29 -23.82 -28.57
C GLY A 479 -30.01 -23.93 -27.09
N VAL A 480 -29.06 -23.12 -26.61
CA VAL A 480 -28.70 -23.11 -25.21
C VAL A 480 -28.85 -21.69 -24.70
N GLU A 481 -29.03 -21.55 -23.40
N GLU A 481 -29.03 -21.60 -23.39
CA GLU A 481 -29.16 -20.22 -22.78
CA GLU A 481 -29.07 -20.34 -22.67
C GLU A 481 -27.86 -19.86 -22.07
C GLU A 481 -27.65 -20.02 -22.23
N LEU A 482 -27.18 -18.84 -22.62
CA LEU A 482 -25.88 -18.33 -22.13
C LEU A 482 -26.03 -17.08 -21.27
N TRP A 483 -27.24 -16.54 -21.11
CA TRP A 483 -27.50 -15.34 -20.30
C TRP A 483 -26.56 -14.17 -20.62
N PRO A 484 -26.29 -13.91 -21.91
CA PRO A 484 -25.32 -12.84 -22.17
C PRO A 484 -25.87 -11.46 -21.81
N ALA A 485 -24.99 -10.60 -21.31
CA ALA A 485 -25.38 -9.27 -20.84
C ALA A 485 -24.19 -8.34 -20.96
N ARG A 486 -24.48 -7.16 -21.45
CA ARG A 486 -23.48 -6.10 -21.60
C ARG A 486 -24.16 -4.80 -21.33
N THR A 487 -23.69 -4.09 -20.32
CA THR A 487 -24.16 -2.74 -20.03
C THR A 487 -23.72 -1.81 -21.13
N PRO A 488 -24.66 -1.00 -21.68
CA PRO A 488 -24.25 -0.08 -22.75
C PRO A 488 -23.02 0.74 -22.41
N GLY A 489 -22.04 0.77 -23.30
CA GLY A 489 -20.79 1.52 -23.07
C GLY A 489 -19.71 0.82 -22.27
N ALA A 490 -20.02 -0.36 -21.73
CA ALA A 490 -19.03 -1.13 -21.02
C ALA A 490 -18.13 -1.92 -22.00
N VAL A 491 -16.92 -2.22 -21.54
CA VAL A 491 -15.98 -3.06 -22.32
C VAL A 491 -15.96 -4.52 -21.76
N THR A 492 -17.00 -4.91 -21.02
CA THR A 492 -17.12 -6.27 -20.52
C THR A 492 -18.48 -6.85 -20.85
N VAL A 493 -18.51 -8.15 -21.14
CA VAL A 493 -19.72 -8.88 -21.41
C VAL A 493 -19.69 -10.06 -20.45
N ARG A 494 -20.83 -10.32 -19.81
CA ARG A 494 -21.01 -11.41 -18.86
C ARG A 494 -21.86 -12.48 -19.52
N PHE A 495 -21.62 -13.73 -19.11
CA PHE A 495 -22.38 -14.88 -19.62
C PHE A 495 -22.23 -16.07 -18.65
N ARG A 496 -23.03 -17.12 -18.93
CA ARG A 496 -22.99 -18.32 -18.09
C ARG A 496 -21.59 -18.89 -17.99
N LYS A 497 -21.22 -19.28 -16.78
CA LYS A 497 -19.92 -19.89 -16.56
C LYS A 497 -19.77 -21.22 -17.31
N PRO A 498 -18.76 -21.33 -18.19
CA PRO A 498 -18.46 -22.56 -18.90
C PRO A 498 -17.65 -23.51 -18.03
N SER A 499 -17.10 -24.57 -18.62
CA SER A 499 -16.30 -25.55 -17.86
C SER A 499 -15.11 -24.90 -17.17
N ALA A 500 -14.69 -25.52 -16.05
CA ALA A 500 -13.46 -25.16 -15.33
C ALA A 500 -12.23 -25.08 -16.22
N GLU A 501 -12.12 -26.00 -17.17
CA GLU A 501 -10.98 -26.07 -18.06
C GLU A 501 -10.88 -24.81 -18.90
N LEU A 502 -12.01 -24.39 -19.46
CA LEU A 502 -12.03 -23.19 -20.31
C LEU A 502 -11.79 -21.95 -19.45
N VAL A 503 -12.44 -21.88 -18.29
CA VAL A 503 -12.23 -20.79 -17.34
C VAL A 503 -10.74 -20.63 -17.03
N ALA A 504 -10.06 -21.74 -16.74
CA ALA A 504 -8.64 -21.70 -16.40
C ALA A 504 -7.74 -21.31 -17.56
N LYS A 505 -8.07 -21.80 -18.75
CA LYS A 505 -7.30 -21.46 -19.95
C LYS A 505 -7.34 -19.96 -20.25
N TRP A 506 -8.55 -19.39 -20.19
CA TRP A 506 -8.77 -17.99 -20.59
C TRP A 506 -8.80 -16.99 -19.41
N SER A 507 -8.44 -17.44 -18.19
CA SER A 507 -8.49 -16.61 -16.97
C SER A 507 -9.81 -15.84 -16.88
N LEU A 508 -10.92 -16.56 -16.99
CA LEU A 508 -12.21 -15.93 -16.86
C LEU A 508 -12.49 -15.67 -15.39
N SER A 509 -12.85 -14.44 -15.07
CA SER A 509 -13.30 -14.08 -13.74
C SER A 509 -14.73 -14.52 -13.55
N SER A 510 -15.01 -15.05 -12.36
CA SER A 510 -16.29 -15.64 -12.01
C SER A 510 -16.98 -14.81 -10.94
N GLN A 511 -18.30 -14.76 -11.01
CA GLN A 511 -19.10 -14.19 -9.95
C GLN A 511 -20.40 -14.97 -9.82
N ASP A 512 -20.76 -15.32 -8.59
CA ASP A 512 -22.06 -15.90 -8.31
C ASP A 512 -23.03 -14.80 -7.91
N VAL A 513 -24.27 -14.94 -8.36
CA VAL A 513 -25.36 -14.08 -7.89
C VAL A 513 -26.49 -14.95 -7.37
N LEU A 514 -27.22 -14.43 -6.40
CA LEU A 514 -28.52 -14.96 -6.02
C LEU A 514 -29.57 -14.12 -6.72
N MET A 515 -30.43 -14.80 -7.45
CA MET A 515 -31.43 -14.10 -8.24
C MET A 515 -32.55 -13.54 -7.35
N VAL A 516 -32.72 -14.11 -6.17
CA VAL A 516 -33.52 -13.46 -5.12
C VAL A 516 -32.64 -13.44 -3.88
N PRO A 517 -32.24 -12.22 -3.43
CA PRO A 517 -31.35 -12.07 -2.29
C PRO A 517 -31.79 -12.89 -1.08
N GLY A 518 -30.85 -13.62 -0.47
CA GLY A 518 -31.12 -14.48 0.69
C GLY A 518 -31.53 -15.93 0.42
N ASP A 519 -31.81 -16.28 -0.84
CA ASP A 519 -32.27 -17.62 -1.19
C ASP A 519 -31.18 -18.36 -1.96
N GLU A 520 -30.54 -19.32 -1.29
CA GLU A 520 -29.39 -20.02 -1.86
C GLU A 520 -29.73 -20.95 -3.03
N THR A 521 -31.02 -21.20 -3.29
CA THR A 521 -31.47 -22.02 -4.42
C THR A 521 -31.62 -21.26 -5.76
N THR A 522 -31.42 -19.95 -5.73
CA THR A 522 -31.49 -19.11 -6.90
C THR A 522 -30.10 -18.72 -7.36
N ARG A 523 -29.08 -19.49 -6.98
CA ARG A 523 -27.69 -19.15 -7.35
C ARG A 523 -27.44 -19.37 -8.84
N ARG A 524 -26.72 -18.42 -9.45
CA ARG A 524 -26.26 -18.53 -10.85
C ARG A 524 -24.82 -18.13 -10.88
N SER A 525 -24.03 -18.84 -11.70
CA SER A 525 -22.62 -18.58 -11.84
C SER A 525 -22.38 -17.95 -13.20
N TYR A 526 -21.84 -16.74 -13.17
CA TYR A 526 -21.44 -16.02 -14.35
C TYR A 526 -19.92 -15.96 -14.45
N VAL A 527 -19.47 -15.74 -15.67
CA VAL A 527 -18.14 -15.24 -15.92
C VAL A 527 -18.25 -13.96 -16.73
N HIS A 528 -17.12 -13.27 -16.90
CA HIS A 528 -17.06 -12.18 -17.83
C HIS A 528 -15.80 -12.15 -18.64
N VAL A 529 -15.88 -11.44 -19.76
CA VAL A 529 -14.74 -11.19 -20.61
C VAL A 529 -14.57 -9.66 -20.66
N PHE A 530 -13.35 -9.20 -20.43
CA PHE A 530 -13.02 -7.78 -20.52
C PHE A 530 -12.27 -7.53 -21.83
N VAL A 531 -12.82 -6.68 -22.70
CA VAL A 531 -12.19 -6.41 -23.98
C VAL A 531 -11.21 -5.25 -23.81
N MET A 532 -10.00 -5.59 -23.41
CA MET A 532 -8.93 -4.62 -23.26
C MET A 532 -8.22 -4.45 -24.61
N PRO A 533 -7.30 -3.47 -24.72
CA PRO A 533 -6.64 -3.29 -26.03
C PRO A 533 -5.84 -4.48 -26.55
N SER A 534 -5.43 -5.37 -25.68
CA SER A 534 -4.72 -6.59 -26.10
C SER A 534 -5.65 -7.74 -26.53
N VAL A 535 -6.97 -7.52 -26.47
CA VAL A 535 -7.94 -8.48 -26.95
C VAL A 535 -8.38 -8.09 -28.35
N ASP A 536 -8.11 -8.91 -29.35
CA ASP A 536 -8.52 -8.57 -30.70
C ASP A 536 -9.58 -9.54 -31.22
N ARG A 537 -10.07 -9.30 -32.45
CA ARG A 537 -11.10 -10.16 -32.97
C ARG A 537 -10.70 -11.62 -32.99
N ALA A 538 -9.47 -11.90 -33.43
CA ALA A 538 -9.02 -13.28 -33.53
C ALA A 538 -9.09 -14.03 -32.18
N LYS A 539 -8.70 -13.34 -31.12
CA LYS A 539 -8.71 -13.93 -29.79
C LYS A 539 -10.14 -14.25 -29.35
N LEU A 540 -11.05 -13.31 -29.58
CA LEU A 540 -12.45 -13.55 -29.25
C LEU A 540 -13.05 -14.70 -30.08
N ASP A 541 -12.73 -14.75 -31.36
CA ASP A 541 -13.26 -15.81 -32.23
C ASP A 541 -12.76 -17.19 -31.79
N ALA A 542 -11.51 -17.26 -31.33
CA ALA A 542 -10.97 -18.50 -30.82
C ALA A 542 -11.66 -18.93 -29.54
N LEU A 543 -11.92 -17.98 -28.64
CA LEU A 543 -12.67 -18.26 -27.41
C LEU A 543 -14.08 -18.77 -27.73
N LEU A 544 -14.74 -18.06 -28.64
CA LEU A 544 -16.10 -18.41 -29.05
C LEU A 544 -16.16 -19.82 -29.68
N ALA A 545 -15.17 -20.19 -30.47
CA ALA A 545 -15.12 -21.55 -31.04
C ALA A 545 -15.05 -22.63 -29.96
N GLU A 546 -14.31 -22.36 -28.88
CA GLU A 546 -14.22 -23.27 -27.76
C GLU A 546 -15.49 -23.29 -26.92
N LEU A 547 -16.11 -22.12 -26.73
CA LEU A 547 -17.35 -22.05 -25.99
C LEU A 547 -18.45 -22.88 -26.68
N ALA A 548 -18.44 -22.85 -28.00
CA ALA A 548 -19.45 -23.53 -28.81
C ALA A 548 -19.40 -25.05 -28.65
N GLU A 549 -18.26 -25.59 -28.25
CA GLU A 549 -18.09 -27.02 -28.00
C GLU A 549 -17.92 -27.33 -26.52
N ASP A 550 -18.22 -26.38 -25.66
CA ASP A 550 -17.91 -26.55 -24.24
C ASP A 550 -18.95 -27.43 -23.57
N PRO A 551 -18.51 -28.42 -22.77
CA PRO A 551 -19.45 -29.39 -22.14
C PRO A 551 -20.48 -28.79 -21.21
N VAL A 552 -20.11 -27.77 -20.42
CA VAL A 552 -21.06 -27.09 -19.52
C VAL A 552 -22.05 -26.24 -20.32
N ILE A 553 -21.57 -25.59 -21.38
CA ILE A 553 -22.44 -24.75 -22.23
C ILE A 553 -23.41 -25.63 -23.00
N LEU A 554 -22.88 -26.67 -23.65
CA LEU A 554 -23.73 -27.65 -24.35
C LEU A 554 -24.67 -28.43 -23.43
N GLY A 555 -24.23 -28.72 -22.20
CA GLY A 555 -25.04 -29.47 -21.24
C GLY A 555 -26.02 -28.63 -20.46
N ALA A 556 -26.07 -27.33 -20.74
CA ALA A 556 -26.84 -26.37 -19.97
C ALA A 556 -28.30 -26.78 -19.90
N PRO A 557 -28.84 -26.95 -18.67
CA PRO A 557 -30.29 -27.05 -18.53
C PRO A 557 -30.94 -25.68 -18.78
N ALA B 18 33.35 22.94 -3.82
CA ALA B 18 32.96 21.52 -3.54
C ALA B 18 32.67 20.74 -4.83
N VAL B 19 32.24 19.49 -4.66
CA VAL B 19 32.12 18.53 -5.79
C VAL B 19 30.93 18.81 -6.70
N ASP B 20 30.90 18.12 -7.83
CA ASP B 20 29.78 18.17 -8.76
C ASP B 20 28.86 16.93 -8.62
N PRO B 21 27.62 17.11 -8.10
CA PRO B 21 26.65 16.00 -8.12
C PRO B 21 26.10 15.67 -9.53
N GLY B 22 26.30 16.60 -10.48
CA GLY B 22 25.89 16.42 -11.88
C GLY B 22 24.47 16.92 -12.11
N PRO B 23 24.07 17.05 -13.39
CA PRO B 23 22.74 17.56 -13.76
C PRO B 23 21.56 16.73 -13.25
N GLU B 24 20.50 17.43 -12.83
CA GLU B 24 19.20 16.83 -12.58
C GLU B 24 18.53 16.60 -13.91
N LEU B 25 17.48 15.80 -13.90
CA LEU B 25 16.62 15.70 -15.08
C LEU B 25 15.84 17.03 -15.25
N ASP B 26 15.59 17.41 -16.50
CA ASP B 26 14.88 18.64 -16.86
C ASP B 26 13.47 18.29 -17.32
N GLY B 27 12.46 18.82 -16.62
CA GLY B 27 11.06 18.53 -16.89
C GLY B 27 10.65 18.72 -18.33
N GLY B 28 11.28 19.67 -19.04
CA GLY B 28 10.93 19.97 -20.45
C GLY B 28 11.15 18.80 -21.39
N ASP B 29 12.15 17.98 -21.10
CA ASP B 29 12.43 16.76 -21.83
C ASP B 29 11.36 15.68 -21.68
N PHE B 30 10.55 15.78 -20.62
CA PHE B 30 9.60 14.74 -20.25
C PHE B 30 8.14 15.12 -20.45
N ALA B 31 7.87 16.37 -20.79
CA ALA B 31 6.48 16.82 -20.97
C ALA B 31 5.84 15.98 -22.07
N LEU B 32 4.63 15.50 -21.79
CA LEU B 32 3.92 14.60 -22.66
C LEU B 32 2.83 15.34 -23.44
N PRO B 33 3.06 15.59 -24.72
CA PRO B 33 2.07 16.33 -25.48
C PRO B 33 0.89 15.51 -25.95
N GLU B 34 -0.15 16.22 -26.37
CA GLU B 34 -1.35 15.57 -26.92
C GLU B 34 -1.04 14.62 -28.07
N GLY B 35 -0.11 14.99 -28.95
CA GLY B 35 0.21 14.20 -30.13
C GLY B 35 1.19 13.06 -29.94
N GLY B 36 1.68 12.87 -28.72
CA GLY B 36 2.71 11.87 -28.47
C GLY B 36 4.09 12.43 -28.81
N LEU B 37 5.12 11.64 -28.51
CA LEU B 37 6.52 11.98 -28.79
C LEU B 37 7.05 11.03 -29.83
N ASP B 38 7.88 11.54 -30.76
CA ASP B 38 8.55 10.61 -31.70
C ASP B 38 9.62 9.76 -31.01
N ASP B 39 10.04 8.69 -31.68
CA ASP B 39 10.99 7.73 -31.13
C ASP B 39 12.31 8.39 -30.71
N ASP B 40 12.74 9.42 -31.43
CA ASP B 40 14.01 10.10 -31.10
C ASP B 40 13.93 10.91 -29.83
N ARG B 41 12.85 11.67 -29.66
CA ARG B 41 12.62 12.38 -28.40
C ARG B 41 12.42 11.38 -27.26
N ARG B 42 11.73 10.27 -27.51
CA ARG B 42 11.53 9.26 -26.46
C ARG B 42 12.85 8.65 -25.99
N LEU B 43 13.67 8.23 -26.95
CA LEU B 43 14.94 7.63 -26.58
C LEU B 43 15.89 8.63 -25.87
N ARG B 44 15.91 9.88 -26.34
CA ARG B 44 16.76 10.90 -25.71
C ARG B 44 16.38 11.05 -24.23
N ALA B 45 15.09 11.11 -23.98
CA ALA B 45 14.56 11.22 -22.60
C ALA B 45 14.91 10.02 -21.76
N LEU B 46 14.66 8.82 -22.27
CA LEU B 46 15.03 7.61 -21.52
C LEU B 46 16.54 7.52 -21.28
N ASP B 47 17.32 7.93 -22.28
CA ASP B 47 18.76 7.98 -22.06
C ASP B 47 19.15 8.98 -20.95
N ALA B 48 18.49 10.14 -20.90
CA ALA B 48 18.76 11.10 -19.82
C ALA B 48 18.45 10.49 -18.47
N VAL B 49 17.34 9.76 -18.37
CA VAL B 49 16.98 9.07 -17.12
C VAL B 49 18.03 8.06 -16.73
N ASP B 50 18.48 7.25 -17.68
CA ASP B 50 19.48 6.24 -17.42
C ASP B 50 20.79 6.87 -16.95
N GLU B 51 21.22 7.92 -17.63
CA GLU B 51 22.45 8.59 -17.26
C GLU B 51 22.41 9.17 -15.84
N TYR B 52 21.27 9.78 -15.51
CA TYR B 52 21.01 10.26 -14.15
C TYR B 52 20.99 9.17 -13.13
N LEU B 53 20.16 8.16 -13.35
CA LEU B 53 20.03 7.05 -12.38
C LEU B 53 21.33 6.26 -12.20
N THR B 54 22.04 6.07 -13.31
CA THR B 54 23.30 5.35 -13.24
C THR B 54 24.32 6.08 -12.39
N ARG B 55 24.49 7.38 -12.58
CA ARG B 55 25.43 8.16 -11.79
C ARG B 55 25.02 8.14 -10.32
N LYS B 56 23.75 8.35 -10.05
CA LYS B 56 23.27 8.36 -8.66
C LYS B 56 23.37 7.01 -7.99
N ARG B 57 23.05 5.91 -8.68
CA ARG B 57 23.10 4.60 -8.04
C ARG B 57 24.53 4.21 -7.69
N LYS B 58 25.48 4.60 -8.54
CA LYS B 58 26.89 4.28 -8.29
C LYS B 58 27.45 5.00 -7.07
N HIS B 59 26.90 6.16 -6.74
CA HIS B 59 27.38 6.96 -5.60
C HIS B 59 26.50 6.89 -4.35
N LEU B 60 25.36 6.20 -4.39
CA LEU B 60 24.47 6.21 -3.24
C LEU B 60 25.12 5.42 -2.13
N VAL B 61 25.33 6.09 -0.99
CA VAL B 61 25.78 5.42 0.23
C VAL B 61 25.02 5.85 1.48
N GLY B 62 24.02 6.71 1.36
CA GLY B 62 23.34 7.25 2.53
C GLY B 62 22.02 6.65 2.90
N TYR B 63 21.55 5.65 2.15
CA TYR B 63 20.29 4.99 2.43
C TYR B 63 20.49 3.48 2.47
N GLN B 64 19.64 2.81 3.24
CA GLN B 64 19.71 1.39 3.51
C GLN B 64 19.07 0.59 2.38
N ALA B 65 19.64 0.72 1.18
CA ALA B 65 19.08 0.14 -0.04
C ALA B 65 20.24 -0.38 -0.87
N THR B 66 20.30 -1.69 -1.05
CA THR B 66 21.31 -2.30 -1.89
C THR B 66 21.13 -1.87 -3.33
N GLN B 67 22.23 -1.43 -3.94
CA GLN B 67 22.20 -0.86 -5.30
C GLN B 67 22.67 -1.76 -6.41
N ASP B 68 23.30 -2.88 -6.10
CA ASP B 68 23.82 -3.70 -7.18
C ASP B 68 22.94 -4.91 -7.34
N MET B 69 22.21 -4.99 -8.46
N MET B 69 22.28 -4.97 -8.50
CA MET B 69 21.54 -6.23 -8.92
CA MET B 69 21.43 -6.07 -8.97
C MET B 69 21.60 -6.31 -10.47
C MET B 69 21.58 -6.24 -10.51
N GLN B 70 22.83 -6.34 -10.99
CA GLN B 70 23.07 -6.54 -12.43
C GLN B 70 22.60 -7.93 -12.90
N GLY B 71 22.85 -8.94 -12.06
CA GLY B 71 22.50 -10.33 -12.36
C GLY B 71 21.00 -10.54 -12.45
N THR B 72 20.27 -10.03 -11.47
CA THR B 72 18.83 -10.18 -11.52
C THR B 72 18.23 -9.49 -12.76
N ALA B 73 18.76 -8.32 -13.16
CA ALA B 73 18.33 -7.63 -14.40
C ALA B 73 18.53 -8.44 -15.69
N LEU B 74 19.68 -9.07 -15.81
CA LEU B 74 19.93 -9.91 -16.98
C LEU B 74 18.95 -11.07 -16.98
N ASP B 75 18.80 -11.71 -15.84
CA ASP B 75 17.97 -12.89 -15.76
C ASP B 75 16.46 -12.65 -15.82
N LEU B 76 15.99 -11.49 -15.33
CA LEU B 76 14.54 -11.28 -15.17
C LEU B 76 13.91 -10.26 -16.11
N ALA B 77 14.70 -9.64 -16.98
CA ALA B 77 14.20 -8.70 -17.98
C ALA B 77 13.12 -9.34 -18.85
N ARG B 78 13.31 -10.62 -19.14
CA ARG B 78 12.35 -11.42 -19.92
C ARG B 78 10.91 -11.41 -19.42
N PHE B 79 10.73 -11.12 -18.15
CA PHE B 79 9.39 -11.11 -17.54
C PHE B 79 8.65 -9.80 -17.69
N MET B 80 9.31 -8.73 -18.13
N MET B 80 9.36 -8.74 -18.11
CA MET B 80 8.64 -7.44 -18.20
CA MET B 80 8.78 -7.39 -18.27
C MET B 80 7.43 -7.35 -19.11
C MET B 80 7.50 -7.34 -19.11
N PRO B 81 7.36 -8.18 -20.17
CA PRO B 81 6.14 -8.21 -20.99
C PRO B 81 4.85 -8.75 -20.34
N ASN B 82 4.94 -9.31 -19.14
CA ASN B 82 3.80 -9.90 -18.47
C ASN B 82 3.18 -8.97 -17.45
N ASN B 83 1.86 -8.86 -17.49
CA ASN B 83 1.13 -8.14 -16.49
C ASN B 83 0.80 -9.16 -15.37
N ILE B 84 1.75 -9.32 -14.46
CA ILE B 84 1.68 -10.36 -13.43
C ILE B 84 0.86 -9.81 -12.29
N ASN B 85 -0.03 -10.62 -11.71
CA ASN B 85 -0.82 -10.13 -10.59
C ASN B 85 -1.07 -11.26 -9.63
N ASN B 86 -0.56 -11.13 -8.41
CA ASN B 86 -0.73 -12.14 -7.38
C ASN B 86 -1.89 -11.80 -6.46
N LEU B 87 -3.00 -11.50 -7.10
CA LEU B 87 -4.25 -11.07 -6.51
C LEU B 87 -4.73 -12.15 -5.57
N GLY B 88 -5.01 -11.79 -4.32
CA GLY B 88 -5.46 -12.73 -3.35
C GLY B 88 -4.35 -13.37 -2.56
N ASP B 89 -4.78 -14.25 -1.66
CA ASP B 89 -3.93 -14.97 -0.74
C ASP B 89 -2.85 -15.75 -1.49
N PRO B 90 -1.59 -15.77 -1.00
CA PRO B 90 -0.55 -16.51 -1.73
C PRO B 90 -0.75 -18.03 -1.80
N PHE B 91 -1.56 -18.58 -0.89
CA PHE B 91 -1.73 -20.02 -0.79
C PHE B 91 -2.87 -20.62 -1.61
N GLN B 92 -3.49 -19.83 -2.50
CA GLN B 92 -4.37 -20.35 -3.59
C GLN B 92 -4.19 -19.52 -4.83
N SER B 93 -4.13 -20.14 -6.02
CA SER B 93 -3.87 -19.42 -7.29
C SER B 93 -4.87 -18.28 -7.58
N GLY B 94 -6.18 -18.62 -7.57
CA GLY B 94 -7.27 -17.71 -7.91
C GLY B 94 -7.52 -17.66 -9.42
N GLY B 95 -8.38 -16.76 -9.87
CA GLY B 95 -8.76 -16.73 -11.25
C GLY B 95 -7.78 -16.02 -12.20
N TYR B 96 -6.93 -15.15 -11.67
CA TYR B 96 -5.98 -14.41 -12.49
C TYR B 96 -4.75 -15.32 -12.68
N LYS B 97 -4.75 -16.09 -13.76
CA LYS B 97 -3.73 -17.11 -13.96
C LYS B 97 -2.30 -16.62 -14.21
N PRO B 98 -2.10 -15.43 -14.81
CA PRO B 98 -0.71 -14.97 -14.90
C PRO B 98 -0.21 -14.45 -13.53
N ASN B 99 0.14 -15.37 -12.65
CA ASN B 99 0.61 -15.06 -11.32
C ASN B 99 1.82 -15.95 -10.97
N THR B 100 2.58 -15.51 -9.98
CA THR B 100 3.77 -16.20 -9.52
C THR B 100 3.64 -16.68 -8.07
N LYS B 101 2.44 -17.05 -7.66
CA LYS B 101 2.24 -17.47 -6.26
C LYS B 101 3.09 -18.69 -5.90
N VAL B 102 3.38 -19.57 -6.84
CA VAL B 102 4.28 -20.71 -6.53
C VAL B 102 5.66 -20.21 -6.13
N VAL B 103 6.15 -19.15 -6.82
CA VAL B 103 7.43 -18.55 -6.49
C VAL B 103 7.33 -17.81 -5.15
N GLU B 104 6.25 -17.08 -4.97
CA GLU B 104 6.02 -16.32 -3.76
C GLU B 104 6.07 -17.26 -2.53
N ARG B 105 5.41 -18.40 -2.64
CA ARG B 105 5.41 -19.39 -1.58
C ARG B 105 6.81 -19.92 -1.28
N ALA B 106 7.63 -20.10 -2.30
CA ALA B 106 9.01 -20.54 -2.10
C ALA B 106 9.83 -19.50 -1.31
N VAL B 107 9.65 -18.21 -1.64
CA VAL B 107 10.34 -17.11 -0.93
C VAL B 107 9.84 -17.03 0.51
N LEU B 108 8.52 -17.07 0.70
CA LEU B 108 7.96 -17.08 2.05
C LEU B 108 8.49 -18.26 2.91
N ASP B 109 8.56 -19.44 2.31
CA ASP B 109 9.08 -20.66 2.98
C ASP B 109 10.51 -20.47 3.44
N TYR B 110 11.33 -19.85 2.60
CA TYR B 110 12.73 -19.63 2.90
C TYR B 110 12.87 -18.74 4.12
N TYR B 111 12.16 -17.61 4.13
CA TYR B 111 12.22 -16.72 5.26
C TYR B 111 11.55 -17.33 6.51
N ALA B 112 10.50 -18.11 6.34
CA ALA B 112 9.86 -18.79 7.47
C ALA B 112 10.89 -19.68 8.16
N LYS B 113 11.66 -20.42 7.37
CA LYS B 113 12.75 -21.24 7.93
C LYS B 113 13.80 -20.38 8.63
N LEU B 114 14.21 -19.30 7.95
CA LEU B 114 15.20 -18.39 8.46
C LEU B 114 14.83 -17.74 9.81
N TRP B 115 13.53 -17.50 9.98
CA TRP B 115 12.97 -16.85 11.19
C TRP B 115 12.34 -17.85 12.18
N HIS B 116 12.64 -19.13 12.02
CA HIS B 116 12.23 -20.20 12.94
C HIS B 116 10.70 -20.29 13.13
N ALA B 117 9.97 -19.99 12.05
CA ALA B 117 8.53 -20.20 12.01
C ALA B 117 8.26 -21.68 11.73
N GLU B 118 7.07 -22.13 12.07
CA GLU B 118 6.60 -23.47 11.76
C GLU B 118 6.13 -23.55 10.29
N ARG B 119 6.74 -24.45 9.51
CA ARG B 119 6.31 -24.72 8.14
C ARG B 119 5.89 -26.19 7.95
N PRO B 120 5.18 -26.53 6.88
CA PRO B 120 4.56 -25.60 5.93
C PRO B 120 3.44 -24.78 6.53
N HIS B 121 3.06 -23.72 5.82
CA HIS B 121 1.79 -23.07 6.10
C HIS B 121 0.65 -24.08 6.02
N ASP B 122 -0.18 -24.11 7.03
CA ASP B 122 -1.31 -25.02 7.06
C ASP B 122 -2.45 -24.33 7.79
N PRO B 123 -3.53 -23.99 7.06
CA PRO B 123 -4.68 -23.34 7.73
C PRO B 123 -5.30 -24.10 8.91
N ALA B 124 -5.01 -25.39 8.99
CA ALA B 124 -5.46 -26.26 10.09
C ALA B 124 -4.53 -26.27 11.28
N ASP B 125 -3.31 -25.76 11.11
CA ASP B 125 -2.30 -25.72 12.17
C ASP B 125 -2.14 -24.25 12.62
N PRO B 126 -2.74 -23.91 13.78
CA PRO B 126 -2.72 -22.53 14.25
C PRO B 126 -1.31 -21.97 14.49
N GLU B 127 -0.34 -22.84 14.78
CA GLU B 127 1.02 -22.43 15.05
C GLU B 127 1.85 -22.24 13.78
N SER B 128 1.34 -22.64 12.62
CA SER B 128 2.12 -22.57 11.39
C SER B 128 2.12 -21.12 10.91
N TYR B 129 3.12 -20.79 10.08
CA TYR B 129 3.22 -19.42 9.58
C TYR B 129 2.12 -19.13 8.58
N TRP B 130 1.81 -17.84 8.47
CA TRP B 130 1.13 -17.28 7.31
C TRP B 130 1.84 -15.96 7.02
N GLY B 131 1.95 -15.63 5.73
CA GLY B 131 2.51 -14.34 5.35
C GLY B 131 2.28 -14.12 3.87
N TYR B 132 2.69 -12.95 3.40
CA TYR B 132 2.53 -12.60 2.01
C TYR B 132 3.53 -11.55 1.63
N MET B 133 3.77 -11.42 0.34
CA MET B 133 4.71 -10.43 -0.14
C MET B 133 4.01 -9.08 -0.45
N LEU B 134 4.68 -8.04 -0.03
CA LEU B 134 4.19 -6.68 -0.01
C LEU B 134 4.36 -6.01 -1.38
N SER B 135 3.41 -5.18 -1.76
CA SER B 135 3.48 -4.39 -2.99
C SER B 135 3.98 -2.95 -2.78
N MET B 136 3.77 -2.40 -1.59
CA MET B 136 4.56 -1.23 -1.16
C MET B 136 5.80 -1.83 -0.48
N GLY B 137 6.54 -1.00 0.25
CA GLY B 137 7.61 -1.50 1.10
C GLY B 137 7.13 -1.89 2.47
N SER B 138 8.05 -1.88 3.46
CA SER B 138 7.70 -2.27 4.82
C SER B 138 6.57 -1.44 5.44
N THR B 139 6.30 -0.25 4.88
CA THR B 139 5.14 0.51 5.32
C THR B 139 3.88 -0.35 5.25
N GLU B 140 3.71 -1.13 4.18
CA GLU B 140 2.59 -2.06 4.08
C GLU B 140 2.59 -3.11 5.17
N GLY B 141 3.77 -3.63 5.52
CA GLY B 141 3.90 -4.69 6.51
C GLY B 141 3.64 -4.14 7.90
N ASN B 142 4.14 -2.96 8.19
CA ASN B 142 3.81 -2.29 9.47
C ASN B 142 2.33 -1.91 9.58
N MET B 143 1.72 -1.40 8.51
CA MET B 143 0.28 -1.14 8.50
C MET B 143 -0.50 -2.41 8.72
N TYR B 144 -0.15 -3.49 8.00
CA TYR B 144 -0.83 -4.74 8.18
C TYR B 144 -0.69 -5.27 9.59
N ALA B 145 0.53 -5.26 10.13
CA ALA B 145 0.76 -5.69 11.50
C ALA B 145 -0.16 -4.98 12.50
N LEU B 146 -0.24 -3.65 12.38
CA LEU B 146 -0.99 -2.87 13.35
C LEU B 146 -2.49 -3.06 13.13
N TRP B 147 -2.92 -3.29 11.88
CA TRP B 147 -4.32 -3.63 11.58
C TRP B 147 -4.72 -4.98 12.21
N ASN B 148 -3.91 -5.98 11.94
CA ASN B 148 -4.03 -7.33 12.47
C ASN B 148 -4.06 -7.29 14.01
N ALA B 149 -3.12 -6.55 14.60
CA ALA B 149 -3.07 -6.40 16.06
C ALA B 149 -4.26 -5.66 16.65
N ARG B 150 -4.63 -4.55 16.04
CA ARG B 150 -5.79 -3.80 16.47
C ARG B 150 -7.03 -4.67 16.56
N ASP B 151 -7.30 -5.42 15.49
CA ASP B 151 -8.48 -6.28 15.45
C ASP B 151 -8.42 -7.51 16.38
N TYR B 152 -7.23 -8.08 16.48
CA TYR B 152 -6.99 -9.24 17.34
C TYR B 152 -7.16 -8.85 18.80
N LEU B 153 -6.55 -7.71 19.18
CA LEU B 153 -6.55 -7.25 20.57
C LEU B 153 -7.89 -6.61 20.95
N SER B 154 -8.66 -6.17 19.95
CA SER B 154 -9.95 -5.51 20.19
C SER B 154 -11.12 -6.49 20.15
N GLY B 155 -10.87 -7.76 19.85
CA GLY B 155 -11.92 -8.76 19.76
C GLY B 155 -12.69 -8.92 18.46
N LYS B 156 -12.10 -8.60 17.30
CA LYS B 156 -12.80 -8.83 16.03
C LYS B 156 -12.63 -10.28 15.60
N ALA B 157 -13.52 -10.76 14.73
CA ALA B 157 -13.58 -12.19 14.39
C ALA B 157 -12.32 -12.74 13.64
N LEU B 158 -11.83 -13.90 14.06
CA LEU B 158 -10.64 -14.50 13.43
C LEU B 158 -11.04 -15.39 12.27
N ILE B 159 -10.04 -15.86 11.52
CA ILE B 159 -10.28 -16.65 10.31
C ILE B 159 -10.83 -18.05 10.67
N GLN B 160 -11.58 -18.62 9.75
CA GLN B 160 -12.31 -19.87 9.98
C GLN B 160 -11.39 -21.11 10.13
N PRO B 161 -11.51 -21.86 11.25
CA PRO B 161 -10.95 -23.23 11.27
C PRO B 161 -11.71 -24.18 10.32
N PRO B 162 -11.08 -25.28 9.87
CA PRO B 162 -11.65 -26.08 8.79
C PRO B 162 -12.69 -27.07 9.27
N ARG B 179 -14.76 -5.62 36.93
CA ARG B 179 -14.88 -5.72 35.48
C ARG B 179 -13.99 -4.68 34.78
N ASN B 180 -13.60 -4.98 33.53
CA ASN B 180 -12.58 -4.21 32.78
C ASN B 180 -13.11 -3.41 31.57
N PRO B 181 -13.35 -2.10 31.74
CA PRO B 181 -13.76 -1.29 30.59
C PRO B 181 -12.65 -1.06 29.53
N ASN B 182 -11.41 -1.42 29.83
CA ASN B 182 -10.28 -1.19 28.91
C ASN B 182 -9.85 -2.43 28.12
N ALA B 183 -10.57 -3.54 28.30
CA ALA B 183 -10.22 -4.81 27.69
C ALA B 183 -10.08 -4.78 26.15
N HIS B 184 -10.81 -3.88 25.50
CA HIS B 184 -10.88 -3.76 24.05
C HIS B 184 -10.23 -2.48 23.53
N HIS B 185 -9.39 -1.84 24.35
CA HIS B 185 -8.78 -0.55 24.02
C HIS B 185 -7.25 -0.76 23.95
N PRO B 186 -6.75 -1.25 22.82
CA PRO B 186 -5.29 -1.49 22.79
C PRO B 186 -4.48 -0.22 22.82
N VAL B 187 -3.28 -0.32 23.40
CA VAL B 187 -2.36 0.79 23.52
C VAL B 187 -1.04 0.40 22.83
N ALA B 188 -0.54 1.26 21.96
CA ALA B 188 0.74 1.02 21.22
C ALA B 188 1.96 1.65 21.89
N PHE B 189 3.07 0.90 21.87
CA PHE B 189 4.34 1.30 22.45
C PHE B 189 5.45 1.07 21.41
N TYR B 190 6.32 2.05 21.27
CA TYR B 190 7.52 1.89 20.45
C TYR B 190 8.46 3.01 20.79
N SER B 191 9.75 2.80 20.47
CA SER B 191 10.79 3.73 20.86
C SER B 191 10.81 5.03 20.05
N GLU B 192 11.59 5.98 20.54
CA GLU B 192 11.83 7.24 19.80
C GLU B 192 12.60 7.06 18.49
N ASP B 193 13.18 5.89 18.26
CA ASP B 193 13.92 5.63 17.01
C ASP B 193 13.05 4.91 15.99
N THR B 194 11.78 4.69 16.32
CA THR B 194 10.84 4.05 15.40
C THR B 194 10.61 4.86 14.13
N HIS B 195 10.49 4.14 13.02
CA HIS B 195 10.24 4.76 11.71
C HIS B 195 8.88 5.47 11.65
N TYR B 196 8.82 6.53 10.86
CA TYR B 196 7.59 7.36 10.70
C TYR B 196 6.37 6.63 10.16
N SER B 197 6.56 5.49 9.49
CA SER B 197 5.47 4.63 9.11
C SER B 197 4.56 4.24 10.26
N PHE B 198 5.09 4.16 11.49
CA PHE B 198 4.21 3.84 12.61
C PHE B 198 3.32 5.00 13.01
N ALA B 199 3.85 6.22 12.97
CA ALA B 199 3.00 7.38 13.25
C ALA B 199 1.88 7.47 12.20
N LYS B 200 2.25 7.16 10.96
CA LYS B 200 1.27 7.08 9.89
C LYS B 200 0.27 5.96 10.13
N ALA B 201 0.76 4.77 10.42
CA ALA B 201 -0.14 3.63 10.66
C ALA B 201 -1.10 3.87 11.82
N VAL B 202 -0.59 4.42 12.92
CA VAL B 202 -1.42 4.74 14.10
C VAL B 202 -2.59 5.68 13.72
N ALA B 203 -2.30 6.67 12.87
CA ALA B 203 -3.31 7.64 12.45
C ALA B 203 -4.32 6.99 11.51
N VAL B 204 -3.82 6.20 10.57
CA VAL B 204 -4.70 5.52 9.62
C VAL B 204 -5.68 4.59 10.34
N LEU B 205 -5.13 3.75 11.22
CA LEU B 205 -5.86 2.69 11.85
C LEU B 205 -6.61 3.10 13.13
N GLY B 206 -6.36 4.29 13.64
CA GLY B 206 -6.97 4.75 14.91
C GLY B 206 -6.56 3.88 16.10
N VAL B 207 -5.27 3.53 16.17
CA VAL B 207 -4.74 2.82 17.34
C VAL B 207 -4.06 3.88 18.15
N GLU B 208 -4.32 3.92 19.45
CA GLU B 208 -3.83 5.01 20.24
C GLU B 208 -2.52 4.63 20.85
N THR B 209 -1.59 5.56 20.81
CA THR B 209 -0.29 5.34 21.44
C THR B 209 -0.44 5.50 22.95
N PHE B 210 0.56 5.03 23.70
CA PHE B 210 0.49 5.22 25.18
C PHE B 210 0.50 6.72 25.52
N HIS B 211 1.17 7.53 24.69
CA HIS B 211 1.22 8.96 24.92
C HIS B 211 -0.19 9.57 24.85
N ALA B 212 -0.93 9.22 23.80
CA ALA B 212 -2.29 9.74 23.62
C ALA B 212 -3.24 9.30 24.75
N VAL B 213 -3.15 8.03 25.13
CA VAL B 213 -4.04 7.48 26.12
C VAL B 213 -3.63 8.06 27.47
N GLY B 214 -2.34 8.25 27.69
CA GLY B 214 -1.84 8.84 28.92
C GLY B 214 -2.38 10.23 29.15
N LEU B 215 -2.25 11.08 28.13
CA LEU B 215 -2.74 12.46 28.19
C LEU B 215 -4.26 12.53 28.35
N GLU B 216 -4.98 11.64 27.65
CA GLU B 216 -6.46 11.69 27.66
C GLU B 216 -7.06 11.16 28.97
N LYS B 217 -6.61 9.99 29.39
CA LYS B 217 -7.19 9.27 30.50
C LYS B 217 -6.43 9.36 31.81
N TYR B 218 -5.11 9.55 31.75
CA TYR B 218 -4.22 9.36 32.92
C TYR B 218 -3.24 10.52 33.04
N ALA B 219 -3.75 11.74 32.88
CA ALA B 219 -2.89 12.89 32.59
C ALA B 219 -1.78 13.16 33.61
N ASP B 220 -2.06 12.99 34.90
CA ASP B 220 -1.06 13.28 35.95
C ASP B 220 -0.39 12.04 36.50
N GLU B 221 -0.54 10.90 35.82
CA GLU B 221 -0.08 9.64 36.37
C GLU B 221 1.11 9.06 35.63
N CYS B 222 1.80 9.84 34.80
CA CYS B 222 2.98 9.29 34.10
C CYS B 222 4.00 8.70 35.09
N PRO B 223 4.39 7.41 34.91
CA PRO B 223 5.32 6.79 35.86
C PRO B 223 6.80 7.12 35.67
N LEU B 224 7.13 7.87 34.63
CA LEU B 224 8.49 8.22 34.30
C LEU B 224 8.70 9.69 34.56
N VAL B 225 9.89 10.00 35.05
CA VAL B 225 10.36 11.38 35.20
C VAL B 225 11.17 11.76 33.96
N ASP B 226 10.86 12.92 33.38
CA ASP B 226 11.58 13.41 32.22
C ASP B 226 13.00 13.84 32.62
N PRO B 227 14.03 13.34 31.93
CA PRO B 227 15.39 13.63 32.40
C PRO B 227 15.86 15.09 32.21
N VAL B 228 15.18 15.83 31.35
CA VAL B 228 15.55 17.23 31.13
C VAL B 228 14.87 18.13 32.18
N THR B 229 13.57 17.97 32.33
CA THR B 229 12.79 18.88 33.16
C THR B 229 12.58 18.38 34.59
N GLY B 230 12.68 17.06 34.78
CA GLY B 230 12.34 16.45 36.08
C GLY B 230 10.85 16.37 36.38
N LEU B 231 10.00 16.70 35.41
CA LEU B 231 8.53 16.61 35.54
C LEU B 231 8.04 15.24 35.04
N ARG B 232 6.90 14.78 35.56
CA ARG B 232 6.26 13.54 35.12
C ARG B 232 5.36 13.82 33.93
N THR B 233 5.95 14.20 32.81
CA THR B 233 5.20 14.44 31.60
C THR B 233 5.31 13.20 30.73
N TRP B 234 4.20 12.83 30.11
CA TRP B 234 4.18 11.64 29.27
C TRP B 234 5.09 11.89 28.07
N PRO B 235 6.09 11.03 27.86
CA PRO B 235 6.89 11.18 26.64
C PRO B 235 6.10 10.73 25.39
N THR B 236 6.47 11.29 24.23
CA THR B 236 5.73 11.04 23.00
C THR B 236 5.95 9.64 22.45
N GLU B 237 7.12 9.07 22.77
CA GLU B 237 7.45 7.68 22.43
C GLU B 237 8.21 7.06 23.60
N VAL B 238 8.37 5.75 23.59
CA VAL B 238 9.16 5.10 24.67
C VAL B 238 10.59 5.61 24.56
N PRO B 239 11.16 6.06 25.70
CA PRO B 239 12.57 6.48 25.59
C PRO B 239 13.52 5.43 25.01
N SER B 240 14.47 5.90 24.23
CA SER B 240 15.60 5.09 23.82
C SER B 240 16.73 5.30 24.83
N ARG B 241 17.72 4.43 24.77
CA ARG B 241 18.84 4.45 25.73
C ARG B 241 19.66 5.73 25.62
N PRO B 242 20.14 6.25 26.77
CA PRO B 242 20.89 7.49 26.72
C PRO B 242 22.29 7.28 26.22
N GLY B 243 22.87 8.31 25.58
CA GLY B 243 24.30 8.32 25.26
C GLY B 243 25.11 9.05 26.35
N PRO B 244 26.37 9.41 26.04
CA PRO B 244 27.23 10.22 26.94
C PRO B 244 26.60 11.52 27.48
N SER B 245 25.76 12.17 26.68
CA SER B 245 24.99 13.34 27.10
C SER B 245 23.99 13.10 28.24
N GLY B 246 23.64 11.85 28.52
CA GLY B 246 22.53 11.51 29.42
C GLY B 246 21.15 11.53 28.74
N LEU B 247 21.12 11.86 27.46
CA LEU B 247 19.89 12.00 26.68
C LEU B 247 19.99 11.04 25.51
N SER B 248 18.88 10.81 24.84
CA SER B 248 18.84 9.77 23.81
C SER B 248 19.52 10.18 22.49
N TRP B 249 19.69 11.47 22.22
CA TRP B 249 20.19 11.92 20.92
C TRP B 249 21.54 11.30 20.51
N ASP B 250 22.44 11.07 21.48
CA ASP B 250 23.73 10.44 21.19
C ASP B 250 23.83 9.04 21.73
N GLY B 251 22.67 8.43 22.02
CA GLY B 251 22.64 7.05 22.45
C GLY B 251 22.63 6.10 21.27
N PRO B 252 22.53 4.81 21.55
CA PRO B 252 22.66 3.81 20.51
C PRO B 252 21.45 3.68 19.58
N GLY B 253 20.27 4.17 20.00
CA GLY B 253 19.02 4.05 19.25
C GLY B 253 18.18 2.84 19.60
N GLU B 254 18.55 2.11 20.65
CA GLU B 254 17.86 0.94 21.16
C GLU B 254 16.86 1.37 22.20
N ILE B 255 15.71 0.73 22.22
CA ILE B 255 14.66 1.03 23.22
C ILE B 255 15.21 0.81 24.65
N ASP B 256 14.85 1.72 25.56
CA ASP B 256 15.17 1.54 27.00
C ASP B 256 14.18 0.55 27.58
N VAL B 257 14.68 -0.67 27.87
CA VAL B 257 13.84 -1.77 28.26
C VAL B 257 13.14 -1.47 29.61
N ASP B 258 13.90 -0.90 30.54
N ASP B 258 13.87 -0.87 30.53
CA ASP B 258 13.34 -0.48 31.83
CA ASP B 258 13.27 -0.54 31.81
C ASP B 258 12.16 0.48 31.66
C ASP B 258 12.15 0.49 31.67
N ALA B 259 12.35 1.51 30.85
CA ALA B 259 11.29 2.50 30.57
C ALA B 259 10.09 1.86 29.91
N LEU B 260 10.34 0.96 28.96
CA LEU B 260 9.25 0.24 28.30
C LEU B 260 8.43 -0.58 29.31
N ALA B 261 9.14 -1.30 30.17
CA ALA B 261 8.49 -2.19 31.13
C ALA B 261 7.64 -1.38 32.13
N VAL B 262 8.16 -0.27 32.62
CA VAL B 262 7.38 0.61 33.50
C VAL B 262 6.07 1.07 32.81
N LEU B 263 6.19 1.51 31.56
CA LEU B 263 5.03 2.02 30.79
C LEU B 263 4.02 0.94 30.46
N VAL B 264 4.52 -0.22 30.03
CA VAL B 264 3.65 -1.35 29.76
C VAL B 264 2.95 -1.81 31.02
N GLU B 265 3.67 -1.90 32.13
CA GLU B 265 3.02 -2.30 33.40
C GLU B 265 1.87 -1.35 33.76
N PHE B 266 2.08 -0.06 33.57
CA PHE B 266 1.08 0.94 33.89
C PHE B 266 -0.21 0.69 33.17
N PHE B 267 -0.14 0.51 31.86
CA PHE B 267 -1.33 0.32 31.07
C PHE B 267 -1.89 -1.08 31.21
N ALA B 268 -1.02 -2.08 31.35
CA ALA B 268 -1.53 -3.44 31.55
C ALA B 268 -2.32 -3.52 32.88
N ALA B 269 -1.80 -2.88 33.92
CA ALA B 269 -2.51 -2.81 35.22
C ALA B 269 -3.89 -2.12 35.11
N LYS B 270 -4.03 -1.17 34.19
CA LYS B 270 -5.33 -0.52 33.95
C LYS B 270 -6.30 -1.39 33.16
N GLY B 271 -5.81 -2.51 32.61
CA GLY B 271 -6.64 -3.44 31.87
C GLY B 271 -6.51 -3.39 30.36
N HIS B 272 -5.61 -2.55 29.86
CA HIS B 272 -5.44 -2.39 28.40
C HIS B 272 -4.64 -3.58 27.82
N PRO B 273 -5.04 -4.09 26.65
CA PRO B 273 -4.13 -4.94 25.89
C PRO B 273 -3.07 -4.07 25.20
N VAL B 274 -1.95 -4.69 24.82
CA VAL B 274 -0.71 -4.00 24.53
C VAL B 274 -0.14 -4.40 23.16
N PHE B 275 0.21 -3.42 22.36
CA PHE B 275 0.93 -3.65 21.09
C PHE B 275 2.32 -3.06 21.29
N VAL B 276 3.37 -3.83 21.01
CA VAL B 276 4.72 -3.31 21.11
C VAL B 276 5.42 -3.52 19.74
N ASN B 277 5.97 -2.46 19.18
CA ASN B 277 6.83 -2.58 17.99
C ASN B 277 8.28 -2.46 18.46
N LEU B 278 9.12 -3.37 17.99
CA LEU B 278 10.55 -3.38 18.25
C LEU B 278 11.30 -3.29 16.91
N ASN B 279 12.26 -2.39 16.89
CA ASN B 279 13.04 -2.09 15.67
C ASN B 279 14.23 -2.98 15.56
N LEU B 280 14.30 -3.76 14.48
CA LEU B 280 15.46 -4.57 14.17
C LEU B 280 16.23 -3.97 12.99
N GLY B 281 17.08 -2.98 13.28
CA GLY B 281 17.79 -2.19 12.26
C GLY B 281 17.04 -0.89 12.08
N SER B 282 17.18 0.01 13.06
CA SER B 282 16.44 1.27 13.08
C SER B 282 16.83 2.20 11.94
N THR B 283 15.93 3.12 11.57
CA THR B 283 16.16 3.90 10.37
C THR B 283 17.41 4.75 10.34
N PHE B 284 17.68 5.50 11.42
CA PHE B 284 18.83 6.39 11.38
C PHE B 284 20.11 5.77 11.92
N LYS B 285 20.02 5.08 13.05
CA LYS B 285 21.19 4.52 13.72
C LYS B 285 21.44 3.05 13.42
N GLY B 286 20.54 2.38 12.74
CA GLY B 286 20.69 0.97 12.47
C GLY B 286 20.70 0.11 13.72
N ALA B 287 20.09 0.58 14.80
CA ALA B 287 20.09 -0.12 16.08
C ALA B 287 19.15 -1.34 16.07
N HIS B 288 19.43 -2.26 16.99
CA HIS B 288 18.64 -3.48 17.16
C HIS B 288 18.11 -3.48 18.59
N ASP B 289 16.84 -3.20 18.75
CA ASP B 289 16.14 -3.37 20.04
C ASP B 289 16.39 -4.77 20.54
N ASP B 290 16.63 -4.89 21.84
CA ASP B 290 16.95 -6.20 22.41
C ASP B 290 15.66 -6.97 22.62
N VAL B 291 15.24 -7.67 21.57
CA VAL B 291 13.92 -8.30 21.54
C VAL B 291 13.77 -9.34 22.64
N ARG B 292 14.79 -10.21 22.80
CA ARG B 292 14.78 -11.23 23.85
C ARG B 292 14.69 -10.55 25.25
N ALA B 293 15.52 -9.53 25.51
CA ALA B 293 15.45 -8.80 26.80
C ALA B 293 14.08 -8.19 27.04
N VAL B 294 13.51 -7.56 26.01
CA VAL B 294 12.15 -7.02 26.10
C VAL B 294 11.13 -8.10 26.50
N CYS B 295 11.16 -9.22 25.77
CA CYS B 295 10.23 -10.32 25.97
C CYS B 295 10.38 -10.94 27.39
N GLU B 296 11.63 -11.13 27.82
CA GLU B 296 11.88 -11.60 29.20
C GLU B 296 11.31 -10.68 30.27
N ARG B 297 11.42 -9.38 30.05
N ARG B 297 11.44 -9.37 30.05
CA ARG B 297 10.97 -8.39 31.00
CA ARG B 297 10.94 -8.38 30.99
C ARG B 297 9.46 -8.20 30.96
C ARG B 297 9.44 -8.29 30.97
N LEU B 298 8.83 -8.33 29.78
CA LEU B 298 7.38 -8.14 29.68
C LEU B 298 6.51 -9.34 30.02
N LEU B 299 6.98 -10.56 29.74
CA LEU B 299 6.16 -11.75 29.98
C LEU B 299 5.60 -11.86 31.42
N PRO B 300 6.44 -11.61 32.44
CA PRO B 300 5.85 -11.63 33.80
C PRO B 300 4.81 -10.54 34.08
N ILE B 301 4.96 -9.39 33.44
CA ILE B 301 3.96 -8.32 33.46
C ILE B 301 2.63 -8.78 32.82
N PHE B 302 2.74 -9.39 31.63
CA PHE B 302 1.57 -9.92 30.96
C PHE B 302 0.92 -11.03 31.79
N GLU B 303 1.74 -11.86 32.45
CA GLU B 303 1.19 -12.96 33.21
C GLU B 303 0.44 -12.44 34.45
N ARG B 304 1.05 -11.50 35.16
CA ARG B 304 0.45 -10.87 36.35
C ARG B 304 -0.87 -10.22 36.06
N HIS B 305 -1.01 -9.62 34.87
CA HIS B 305 -2.19 -8.85 34.53
C HIS B 305 -3.15 -9.50 33.56
N GLY B 306 -3.02 -10.82 33.41
CA GLY B 306 -3.96 -11.64 32.71
C GLY B 306 -3.99 -11.38 31.22
N LEU B 307 -2.82 -11.03 30.65
CA LEU B 307 -2.72 -10.85 29.19
C LEU B 307 -2.12 -12.03 28.43
N VAL B 308 -1.76 -13.12 29.10
CA VAL B 308 -1.26 -14.29 28.34
C VAL B 308 -2.38 -15.07 27.65
N GLN B 309 -3.46 -15.32 28.38
CA GLN B 309 -4.63 -15.99 27.83
C GLN B 309 -5.78 -15.28 28.47
N ARG B 310 -6.71 -14.82 27.65
N ARG B 310 -6.67 -14.70 27.67
CA ARG B 310 -7.88 -14.15 28.17
CA ARG B 310 -7.88 -14.12 28.24
C ARG B 310 -9.05 -14.44 27.30
C ARG B 310 -9.06 -14.26 27.30
N GLU B 311 -10.25 -14.38 27.90
CA GLU B 311 -11.51 -14.54 27.16
C GLU B 311 -11.86 -13.23 26.49
N VAL B 312 -12.36 -13.31 25.27
CA VAL B 312 -12.67 -12.13 24.49
C VAL B 312 -14.05 -12.31 23.87
N VAL B 313 -14.92 -11.35 24.14
CA VAL B 313 -16.21 -11.22 23.42
C VAL B 313 -15.98 -10.68 22.00
N TYR B 314 -16.42 -11.44 20.99
CA TYR B 314 -16.28 -11.05 19.57
C TYR B 314 -17.65 -10.88 18.89
N GLY B 315 -18.34 -9.83 19.32
CA GLY B 315 -19.69 -9.51 18.85
C GLY B 315 -20.75 -10.09 19.77
N SER B 316 -22.00 -9.69 19.53
CA SER B 316 -23.14 -10.26 20.25
C SER B 316 -23.48 -11.67 19.72
N CYS B 317 -24.23 -12.41 20.52
CA CYS B 317 -24.56 -13.82 20.25
C CYS B 317 -25.61 -13.93 19.12
N PRO B 318 -25.47 -14.93 18.21
CA PRO B 318 -26.30 -15.09 16.99
C PRO B 318 -27.81 -14.72 17.06
N GLN B 319 -28.48 -14.91 18.19
CA GLN B 319 -29.89 -14.47 18.37
C GLN B 319 -30.12 -13.66 19.67
N THR B 320 -30.08 -14.33 20.82
CA THR B 320 -30.42 -13.70 22.12
C THR B 320 -29.27 -12.81 22.60
N GLY B 321 -29.61 -11.71 23.27
CA GLY B 321 -28.64 -10.65 23.62
C GLY B 321 -27.60 -10.97 24.68
N ARG B 322 -26.67 -11.85 24.32
CA ARG B 322 -25.46 -12.15 25.09
C ARG B 322 -24.29 -11.93 24.13
N PRO B 323 -23.03 -12.19 24.56
CA PRO B 323 -21.89 -12.22 23.63
C PRO B 323 -21.39 -13.63 23.27
N LEU B 324 -20.62 -13.74 22.18
CA LEU B 324 -19.78 -14.90 21.90
C LEU B 324 -18.43 -14.69 22.59
N VAL B 325 -17.66 -15.77 22.80
CA VAL B 325 -16.33 -15.68 23.46
C VAL B 325 -15.28 -16.67 22.86
N ASP B 326 -14.06 -16.19 22.59
CA ASP B 326 -12.91 -17.08 22.36
C ASP B 326 -11.71 -16.64 23.22
N VAL B 327 -10.63 -17.41 23.14
CA VAL B 327 -9.46 -17.20 24.01
C VAL B 327 -8.30 -16.71 23.14
N ARG B 328 -7.68 -15.63 23.58
CA ARG B 328 -6.63 -14.93 22.83
C ARG B 328 -5.59 -14.43 23.81
N ARG B 329 -4.39 -14.14 23.31
CA ARG B 329 -3.48 -13.32 24.09
C ARG B 329 -3.91 -11.86 24.06
N GLY B 330 -3.44 -11.11 25.05
CA GLY B 330 -3.73 -9.71 25.21
C GLY B 330 -2.57 -8.80 24.91
N PHE B 331 -1.57 -9.36 24.23
CA PHE B 331 -0.42 -8.57 23.79
C PHE B 331 -0.02 -9.03 22.40
N TRP B 332 0.68 -8.16 21.67
CA TRP B 332 1.17 -8.45 20.31
C TRP B 332 2.51 -7.77 20.15
N ILE B 333 3.55 -8.57 19.96
CA ILE B 333 4.89 -8.05 19.76
C ILE B 333 5.19 -8.16 18.27
N HIS B 334 5.45 -7.01 17.64
CA HIS B 334 5.82 -6.93 16.23
C HIS B 334 7.26 -6.52 16.13
N VAL B 335 7.99 -7.17 15.21
CA VAL B 335 9.37 -6.80 14.93
C VAL B 335 9.42 -6.12 13.56
N ASP B 336 9.75 -4.84 13.55
CA ASP B 336 10.01 -4.08 12.32
C ASP B 336 11.46 -4.38 11.88
N GLY B 337 11.59 -5.43 11.09
CA GLY B 337 12.85 -5.85 10.52
C GLY B 337 13.02 -5.41 9.09
N ALA B 338 12.37 -4.31 8.71
CA ALA B 338 12.43 -3.75 7.36
C ALA B 338 13.83 -3.98 6.78
N LEU B 339 14.83 -3.52 7.53
CA LEU B 339 16.22 -3.74 7.21
C LEU B 339 16.73 -5.04 7.85
N GLY B 340 16.66 -5.11 9.17
CA GLY B 340 17.48 -6.10 9.87
C GLY B 340 17.03 -7.55 9.75
N ALA B 341 15.79 -7.84 9.41
CA ALA B 341 15.34 -9.25 9.31
C ALA B 341 15.99 -9.97 8.12
N GLY B 342 16.55 -9.18 7.21
CA GLY B 342 17.28 -9.69 6.06
C GLY B 342 18.70 -10.17 6.34
N TYR B 343 19.36 -9.60 7.34
CA TYR B 343 20.75 -10.01 7.66
C TYR B 343 20.93 -10.61 9.05
N ALA B 344 20.05 -10.27 10.00
CA ALA B 344 20.28 -10.71 11.39
C ALA B 344 20.33 -12.22 11.55
N PRO B 345 19.51 -12.97 10.80
CA PRO B 345 19.63 -14.43 10.92
C PRO B 345 21.04 -14.94 10.60
N PHE B 346 21.64 -14.35 9.58
CA PHE B 346 22.98 -14.73 9.13
C PHE B 346 24.07 -14.33 10.09
N LEU B 347 23.95 -13.15 10.69
CA LEU B 347 24.93 -12.77 11.70
C LEU B 347 24.80 -13.75 12.88
N ARG B 348 23.57 -14.08 13.26
CA ARG B 348 23.35 -14.98 14.39
C ARG B 348 23.83 -16.43 14.14
N LEU B 349 23.70 -16.89 12.90
CA LEU B 349 24.30 -18.15 12.44
C LEU B 349 25.82 -18.19 12.68
N ALA B 350 26.52 -17.11 12.28
CA ALA B 350 27.94 -17.03 12.51
C ALA B 350 28.23 -17.02 13.99
N ALA B 351 27.44 -16.27 14.75
CA ALA B 351 27.67 -16.15 16.20
C ALA B 351 27.55 -17.50 16.89
N GLU B 352 26.65 -18.35 16.40
CA GLU B 352 26.44 -19.69 16.92
C GLU B 352 27.60 -20.66 16.56
N ASP B 353 28.23 -20.49 15.39
CA ASP B 353 29.35 -21.34 14.93
C ASP B 353 30.48 -20.50 14.32
N PRO B 354 31.18 -19.71 15.15
CA PRO B 354 32.18 -18.78 14.62
C PRO B 354 33.39 -19.43 13.95
N GLU B 355 33.77 -20.63 14.40
CA GLU B 355 34.89 -21.31 13.77
C GLU B 355 34.46 -21.87 12.41
N GLY B 356 33.24 -22.38 12.30
CA GLY B 356 32.70 -22.88 11.04
C GLY B 356 32.63 -21.79 9.96
N TYR B 357 32.15 -20.59 10.31
CA TYR B 357 32.10 -19.48 9.36
C TYR B 357 33.37 -18.65 9.30
N GLY B 358 34.33 -18.94 10.17
CA GLY B 358 35.55 -18.17 10.24
C GLY B 358 35.39 -16.72 10.61
N TRP B 359 34.41 -16.43 11.48
CA TRP B 359 34.12 -15.05 11.87
C TRP B 359 33.35 -15.04 13.17
N THR B 360 33.83 -14.26 14.13
CA THR B 360 33.07 -13.97 15.36
C THR B 360 32.58 -12.57 15.21
N PRO B 361 31.25 -12.39 15.06
CA PRO B 361 30.75 -11.01 15.01
C PRO B 361 31.10 -10.22 16.29
N GLU B 362 31.53 -8.97 16.14
CA GLU B 362 31.96 -8.22 17.35
C GLU B 362 30.77 -7.86 18.28
N ALA B 363 29.58 -7.68 17.73
CA ALA B 363 28.41 -7.38 18.54
C ALA B 363 27.45 -8.55 18.54
N GLU B 364 26.70 -8.69 19.61
CA GLU B 364 25.68 -9.71 19.70
C GLU B 364 24.40 -9.11 19.16
N LEU B 365 23.73 -9.78 18.23
CA LEU B 365 22.41 -9.35 17.81
C LEU B 365 21.41 -10.20 18.58
N PRO B 366 20.34 -9.57 19.12
CA PRO B 366 19.37 -10.30 19.94
C PRO B 366 18.57 -11.35 19.19
N GLU B 367 18.20 -12.42 19.88
CA GLU B 367 17.16 -13.34 19.41
C GLU B 367 15.87 -12.54 19.25
N PHE B 368 15.21 -12.70 18.11
CA PHE B 368 14.10 -11.81 17.74
C PHE B 368 12.92 -12.48 17.04
N ASP B 369 13.03 -13.75 16.69
CA ASP B 369 12.17 -14.31 15.65
C ASP B 369 11.07 -15.18 16.24
N PHE B 370 10.44 -15.99 15.41
CA PHE B 370 9.32 -16.83 15.81
C PHE B 370 9.74 -18.01 16.68
N GLY B 371 11.04 -18.26 16.80
CA GLY B 371 11.56 -19.28 17.69
C GLY B 371 11.73 -18.85 19.12
N LEU B 372 11.60 -17.55 19.42
CA LEU B 372 11.81 -17.04 20.77
C LEU B 372 10.62 -17.48 21.67
N ARG B 373 10.89 -18.40 22.60
CA ARG B 373 9.86 -19.03 23.44
C ARG B 373 10.34 -18.90 24.89
N LEU B 374 9.44 -18.50 25.79
CA LEU B 374 9.80 -18.27 27.19
C LEU B 374 8.87 -19.01 28.14
N PRO B 375 9.42 -19.47 29.27
CA PRO B 375 8.57 -20.09 30.26
C PRO B 375 7.77 -19.06 31.06
N THR B 376 6.66 -19.53 31.61
CA THR B 376 5.81 -18.75 32.53
C THR B 376 5.60 -19.52 33.82
N ALA B 377 5.06 -18.82 34.83
CA ALA B 377 4.66 -19.44 36.11
C ALA B 377 3.59 -20.52 35.92
N GLY B 378 2.57 -20.25 35.09
CA GLY B 378 1.42 -21.18 34.94
C GLY B 378 0.76 -21.35 33.58
N HIS B 379 1.40 -20.96 32.48
CA HIS B 379 0.84 -21.17 31.12
C HIS B 379 1.71 -21.97 30.16
N GLY B 380 2.79 -22.58 30.65
CA GLY B 380 3.74 -23.28 29.79
C GLY B 380 4.61 -22.29 29.02
N GLU B 381 5.30 -22.79 28.01
CA GLU B 381 6.16 -21.97 27.15
C GLU B 381 5.30 -21.07 26.26
N VAL B 382 5.66 -19.79 26.18
CA VAL B 382 4.91 -18.84 25.32
C VAL B 382 5.83 -18.39 24.16
N ASP B 383 5.31 -18.54 22.95
CA ASP B 383 5.97 -18.01 21.73
C ASP B 383 5.70 -16.51 21.63
N MET B 384 6.75 -15.70 21.74
CA MET B 384 6.61 -14.31 22.07
C MET B 384 6.29 -13.35 20.94
N VAL B 385 6.84 -13.60 19.75
CA VAL B 385 6.67 -12.66 18.65
C VAL B 385 5.45 -13.05 17.82
N SER B 386 4.60 -12.09 17.50
CA SER B 386 3.40 -12.33 16.68
C SER B 386 3.60 -12.02 15.19
N SER B 387 4.48 -11.07 14.88
CA SER B 387 4.70 -10.70 13.48
C SER B 387 6.04 -10.07 13.21
N ILE B 388 6.45 -10.15 11.95
CA ILE B 388 7.72 -9.59 11.49
C ILE B 388 7.45 -8.96 10.12
N ALA B 389 8.05 -7.80 9.89
CA ALA B 389 8.11 -7.21 8.56
C ALA B 389 9.54 -7.10 8.09
N MET B 390 9.73 -7.24 6.78
CA MET B 390 11.02 -7.04 6.11
C MET B 390 10.83 -6.41 4.71
N SER B 391 11.75 -5.54 4.32
CA SER B 391 11.81 -4.95 2.99
C SER B 391 12.79 -5.68 2.11
N GLY B 392 12.39 -6.03 0.88
CA GLY B 392 13.31 -6.68 -0.06
C GLY B 392 14.24 -5.70 -0.76
N HIS B 393 13.81 -4.45 -0.91
CA HIS B 393 14.61 -3.39 -1.53
C HIS B 393 15.64 -2.82 -0.58
N LYS B 394 15.64 -3.27 0.68
CA LYS B 394 16.71 -2.89 1.62
C LYS B 394 17.92 -3.84 1.51
N TRP B 395 18.04 -4.87 2.33
CA TRP B 395 19.26 -5.67 2.33
C TRP B 395 19.46 -6.45 1.03
N ALA B 396 18.43 -7.14 0.54
CA ALA B 396 18.56 -7.93 -0.69
C ALA B 396 18.81 -7.05 -1.91
N GLY B 397 18.02 -5.97 -2.05
CA GLY B 397 18.03 -5.12 -3.22
C GLY B 397 16.91 -5.52 -4.17
N ALA B 398 16.19 -4.54 -4.68
CA ALA B 398 15.17 -4.78 -5.67
C ALA B 398 15.02 -3.50 -6.48
N PRO B 399 14.38 -3.57 -7.66
CA PRO B 399 14.23 -2.32 -8.43
C PRO B 399 13.04 -1.46 -8.01
N TRP B 400 12.26 -1.95 -7.06
CA TRP B 400 11.12 -1.21 -6.53
C TRP B 400 10.85 -1.74 -5.12
N PRO B 401 10.03 -1.02 -4.36
CA PRO B 401 9.69 -1.48 -3.03
C PRO B 401 8.92 -2.78 -2.98
N CYS B 402 9.31 -3.63 -2.04
CA CYS B 402 8.68 -4.90 -1.82
C CYS B 402 9.08 -5.41 -0.44
N GLY B 403 8.58 -6.56 -0.06
CA GLY B 403 8.95 -7.11 1.24
C GLY B 403 8.01 -8.22 1.66
N ILE B 404 8.04 -8.53 2.95
CA ILE B 404 7.32 -9.66 3.51
C ILE B 404 6.64 -9.21 4.80
N TYR B 405 5.40 -9.62 4.96
CA TYR B 405 4.76 -9.63 6.28
C TYR B 405 4.58 -11.09 6.65
N MET B 406 4.92 -11.43 7.89
CA MET B 406 4.68 -12.81 8.35
C MET B 406 4.14 -12.80 9.80
N THR B 407 3.22 -13.72 10.02
CA THR B 407 2.60 -13.95 11.32
C THR B 407 2.33 -15.46 11.44
N LYS B 408 1.36 -15.84 12.27
CA LYS B 408 0.90 -17.20 12.43
C LYS B 408 -0.60 -17.31 12.16
N VAL B 409 -1.01 -18.49 11.74
CA VAL B 409 -2.39 -18.80 11.38
C VAL B 409 -3.37 -18.37 12.49
N LYS B 410 -2.95 -18.61 13.72
CA LYS B 410 -3.80 -18.33 14.88
C LYS B 410 -4.15 -16.88 15.06
N TYR B 411 -3.40 -15.96 14.44
CA TYR B 411 -3.71 -14.54 14.48
C TYR B 411 -4.52 -14.03 13.31
N GLN B 412 -4.71 -14.83 12.26
CA GLN B 412 -5.36 -14.31 11.05
C GLN B 412 -6.77 -13.81 11.35
N ILE B 413 -7.08 -12.62 10.83
CA ILE B 413 -8.40 -12.01 11.01
C ILE B 413 -9.32 -12.44 9.87
N SER B 414 -10.60 -12.62 10.17
CA SER B 414 -11.59 -12.89 9.12
C SER B 414 -11.51 -11.75 8.06
N PRO B 415 -11.40 -12.09 6.75
CA PRO B 415 -11.23 -11.01 5.73
C PRO B 415 -12.40 -10.00 5.72
N PRO B 416 -12.13 -8.73 5.29
CA PRO B 416 -13.19 -7.71 5.30
C PRO B 416 -14.42 -8.07 4.48
N SER B 417 -14.20 -8.81 3.38
CA SER B 417 -15.30 -9.33 2.54
C SER B 417 -14.84 -10.60 1.78
N GLN B 418 -15.78 -11.20 1.03
CA GLN B 418 -15.52 -12.41 0.23
C GLN B 418 -15.75 -12.15 -1.27
N PRO B 419 -14.74 -11.57 -1.96
CA PRO B 419 -14.88 -11.31 -3.40
C PRO B 419 -14.78 -12.57 -4.28
N ASP B 420 -15.90 -12.98 -4.86
CA ASP B 420 -15.97 -14.11 -5.82
C ASP B 420 -15.01 -13.98 -6.98
N TYR B 421 -14.91 -12.75 -7.50
CA TYR B 421 -14.22 -12.43 -8.77
C TYR B 421 -12.70 -12.59 -8.80
N ILE B 422 -12.06 -12.67 -7.64
CA ILE B 422 -10.62 -12.94 -7.62
C ILE B 422 -10.30 -14.44 -7.43
N GLY B 423 -11.25 -15.22 -6.88
CA GLY B 423 -11.11 -16.70 -6.71
C GLY B 423 -10.16 -17.18 -5.60
N ALA B 424 -9.69 -16.25 -4.79
CA ALA B 424 -8.74 -16.48 -3.69
C ALA B 424 -9.15 -15.51 -2.58
N PRO B 425 -8.98 -15.90 -1.29
CA PRO B 425 -9.45 -14.99 -0.22
C PRO B 425 -8.73 -13.63 -0.23
N ASP B 426 -9.43 -12.55 0.17
CA ASP B 426 -8.81 -11.22 0.29
C ASP B 426 -8.21 -11.02 1.68
N THR B 427 -7.03 -11.59 1.87
CA THR B 427 -6.39 -11.64 3.17
C THR B 427 -5.28 -10.64 3.34
N THR B 428 -5.09 -9.74 2.37
CA THR B 428 -3.90 -8.92 2.32
C THR B 428 -4.28 -7.45 2.38
N PHE B 429 -3.28 -6.59 2.60
CA PHE B 429 -3.54 -5.15 2.60
C PHE B 429 -3.81 -4.71 1.17
N ALA B 430 -2.87 -5.02 0.28
CA ALA B 430 -3.05 -4.76 -1.17
C ALA B 430 -4.19 -5.60 -1.74
N GLY B 431 -4.70 -5.16 -2.89
CA GLY B 431 -5.66 -5.89 -3.67
C GLY B 431 -4.88 -6.65 -4.73
N SER B 432 -4.80 -6.10 -5.94
CA SER B 432 -3.78 -6.60 -6.87
C SER B 432 -2.41 -6.55 -6.20
N ARG B 433 -1.57 -7.54 -6.43
CA ARG B 433 -0.28 -7.55 -5.78
C ARG B 433 0.83 -7.78 -6.80
N ASN B 434 1.96 -7.16 -6.52
CA ASN B 434 3.17 -7.28 -7.35
C ASN B 434 3.70 -8.72 -7.36
N GLY B 435 3.59 -9.39 -8.50
CA GLY B 435 4.07 -10.75 -8.68
C GLY B 435 5.41 -10.80 -9.37
N PHE B 436 6.00 -9.63 -9.62
CA PHE B 436 7.36 -9.57 -10.13
C PHE B 436 8.33 -9.61 -8.93
N SER B 437 7.95 -8.99 -7.81
CA SER B 437 8.84 -8.97 -6.65
C SER B 437 9.18 -10.39 -6.17
N PRO B 438 8.24 -11.35 -6.23
CA PRO B 438 8.65 -12.71 -5.84
C PRO B 438 9.77 -13.24 -6.74
N LEU B 439 9.67 -12.97 -8.02
CA LEU B 439 10.77 -13.34 -8.93
C LEU B 439 12.09 -12.70 -8.53
N ILE B 440 12.07 -11.41 -8.21
CA ILE B 440 13.29 -10.68 -7.81
C ILE B 440 13.95 -11.35 -6.62
N LEU B 441 13.16 -11.57 -5.55
CA LEU B 441 13.74 -12.16 -4.34
C LEU B 441 14.13 -13.62 -4.52
N TRP B 442 13.34 -14.39 -5.26
CA TRP B 442 13.66 -15.79 -5.52
C TRP B 442 15.00 -15.88 -6.23
N ASP B 443 15.19 -15.04 -7.23
CA ASP B 443 16.42 -15.05 -8.02
C ASP B 443 17.62 -14.73 -7.13
N HIS B 444 17.47 -13.67 -6.33
CA HIS B 444 18.47 -13.31 -5.32
C HIS B 444 18.81 -14.48 -4.39
N LEU B 445 17.80 -15.05 -3.73
CA LEU B 445 18.00 -16.07 -2.69
C LEU B 445 18.63 -17.34 -3.28
N SER B 446 18.24 -17.64 -4.51
CA SER B 446 18.72 -18.83 -5.20
C SER B 446 20.23 -18.75 -5.51
N ARG B 447 20.80 -17.55 -5.57
CA ARG B 447 22.20 -17.33 -5.97
C ARG B 447 23.18 -17.42 -4.81
N TYR B 448 22.66 -17.44 -3.57
CA TYR B 448 23.52 -17.38 -2.38
C TYR B 448 23.23 -18.51 -1.46
N SER B 449 24.29 -19.11 -0.93
CA SER B 449 24.13 -20.05 0.15
C SER B 449 24.04 -19.24 1.46
N TYR B 450 23.67 -19.93 2.54
CA TYR B 450 23.75 -19.36 3.90
C TYR B 450 25.16 -18.79 4.14
N ARG B 451 26.19 -19.57 3.78
CA ARG B 451 27.57 -19.10 3.93
C ARG B 451 27.83 -17.82 3.14
N ASP B 452 27.33 -17.71 1.90
CA ASP B 452 27.48 -16.47 1.14
C ASP B 452 26.75 -15.29 1.83
N GLN B 453 25.58 -15.57 2.41
CA GLN B 453 24.82 -14.53 3.10
C GLN B 453 25.55 -14.06 4.38
N VAL B 454 26.19 -15.01 5.07
CA VAL B 454 27.03 -14.68 6.23
C VAL B 454 28.20 -13.77 5.78
N GLU B 455 28.84 -14.11 4.68
CA GLU B 455 29.91 -13.27 4.14
C GLU B 455 29.45 -11.85 3.83
N ARG B 456 28.24 -11.68 3.29
N ARG B 456 28.23 -11.72 3.26
CA ARG B 456 27.77 -10.34 2.95
CA ARG B 456 27.60 -10.44 2.96
C ARG B 456 27.56 -9.48 4.19
C ARG B 456 27.58 -9.54 4.18
N ILE B 457 27.01 -10.05 5.26
CA ILE B 457 26.86 -9.25 6.52
C ILE B 457 28.19 -9.07 7.21
N ARG B 458 29.09 -10.07 7.14
CA ARG B 458 30.45 -9.88 7.69
C ARG B 458 31.18 -8.70 7.06
N GLU B 459 31.22 -8.66 5.74
CA GLU B 459 31.94 -7.59 5.03
C GLU B 459 31.35 -6.24 5.36
N ALA B 460 30.01 -6.14 5.45
CA ALA B 460 29.37 -4.87 5.78
C ALA B 460 29.71 -4.39 7.21
N GLN B 461 29.71 -5.32 8.16
CA GLN B 461 30.05 -5.01 9.54
C GLN B 461 31.48 -4.52 9.65
N GLU B 462 32.38 -5.23 8.97
CA GLU B 462 33.81 -4.85 8.99
C GLU B 462 34.05 -3.52 8.28
N LEU B 463 33.34 -3.25 7.19
CA LEU B 463 33.50 -1.98 6.49
C LEU B 463 32.88 -0.82 7.24
N ALA B 464 31.78 -1.06 7.98
CA ALA B 464 31.25 -0.02 8.87
C ALA B 464 32.25 0.33 9.96
N ALA B 465 32.90 -0.68 10.54
CA ALA B 465 33.93 -0.42 11.57
C ALA B 465 35.11 0.36 10.97
N TYR B 466 35.53 -0.02 9.77
CA TYR B 466 36.55 0.68 9.01
C TYR B 466 36.21 2.15 8.78
N LEU B 467 34.99 2.43 8.32
CA LEU B 467 34.56 3.81 8.13
C LEU B 467 34.63 4.65 9.39
N GLU B 468 34.15 4.10 10.50
CA GLU B 468 34.24 4.82 11.78
C GLU B 468 35.71 5.10 12.15
N ARG B 469 36.60 4.12 11.95
CA ARG B 469 38.03 4.30 12.21
C ARG B 469 38.62 5.42 11.35
N ARG B 470 38.30 5.40 10.06
CA ARG B 470 38.81 6.43 9.13
C ARG B 470 38.30 7.82 9.47
N LEU B 471 37.07 7.93 9.95
CA LEU B 471 36.51 9.23 10.30
C LEU B 471 37.22 9.84 11.49
N THR B 472 37.54 9.03 12.50
CA THR B 472 38.25 9.57 13.65
C THR B 472 39.71 9.88 13.32
N ALA B 473 40.30 9.11 12.41
CA ALA B 473 41.65 9.40 11.92
C ALA B 473 41.66 10.72 11.14
N MET B 474 40.59 10.98 10.40
CA MET B 474 40.45 12.27 9.69
C MET B 474 40.36 13.43 10.65
N GLU B 475 39.66 13.26 11.76
CA GLU B 475 39.57 14.31 12.77
C GLU B 475 40.95 14.67 13.32
N ARG B 476 41.77 13.65 13.54
CA ARG B 476 43.15 13.85 14.01
C ARG B 476 44.09 14.44 12.94
N GLU B 477 43.97 14.01 11.70
CA GLU B 477 44.83 14.52 10.62
C GLU B 477 44.52 15.98 10.30
N LEU B 478 43.24 16.30 10.16
CA LEU B 478 42.82 17.62 9.72
C LEU B 478 42.48 18.60 10.84
N GLY B 479 42.30 18.12 12.07
CA GLY B 479 41.87 18.97 13.19
C GLY B 479 40.43 19.49 13.06
N VAL B 480 39.56 18.66 12.49
CA VAL B 480 38.14 18.99 12.33
C VAL B 480 37.32 18.05 13.19
N GLU B 481 36.12 18.48 13.56
CA GLU B 481 35.17 17.66 14.27
C GLU B 481 34.25 17.03 13.22
N LEU B 482 34.07 15.73 13.33
CA LEU B 482 33.13 14.99 12.49
C LEU B 482 32.02 14.31 13.29
N TRP B 483 32.12 14.33 14.61
CA TRP B 483 31.17 13.67 15.48
C TRP B 483 30.81 12.25 15.07
N PRO B 484 31.81 11.43 14.68
CA PRO B 484 31.41 10.10 14.23
C PRO B 484 30.85 9.19 15.31
N ALA B 485 29.86 8.39 14.94
CA ALA B 485 29.18 7.51 15.88
C ALA B 485 28.65 6.31 15.14
N ARG B 486 28.79 5.18 15.79
CA ARG B 486 28.31 3.90 15.24
C ARG B 486 27.88 3.02 16.40
N THR B 487 26.61 2.62 16.41
CA THR B 487 26.12 1.64 17.39
C THR B 487 26.76 0.31 17.11
N PRO B 488 27.32 -0.34 18.15
CA PRO B 488 27.93 -1.65 17.92
C PRO B 488 26.96 -2.60 17.26
N GLY B 489 27.43 -3.28 16.23
CA GLY B 489 26.59 -4.18 15.45
C GLY B 489 25.78 -3.57 14.34
N ALA B 490 25.80 -2.24 14.23
CA ALA B 490 25.05 -1.58 13.18
C ALA B 490 25.88 -1.50 11.88
N VAL B 491 25.18 -1.46 10.74
CA VAL B 491 25.82 -1.26 9.42
C VAL B 491 25.74 0.22 8.96
N THR B 492 25.50 1.15 9.88
CA THR B 492 25.50 2.56 9.56
C THR B 492 26.37 3.37 10.51
N VAL B 493 27.01 4.39 9.96
CA VAL B 493 27.82 5.33 10.72
C VAL B 493 27.29 6.71 10.48
N ARG B 494 27.12 7.48 11.55
CA ARG B 494 26.64 8.85 11.49
C ARG B 494 27.80 9.80 11.72
N PHE B 495 27.73 11.00 11.12
CA PHE B 495 28.75 12.04 11.25
C PHE B 495 28.20 13.40 10.80
N ARG B 496 28.97 14.46 11.04
CA ARG B 496 28.54 15.82 10.73
C ARG B 496 28.19 16.03 9.26
N LYS B 497 27.06 16.68 9.01
CA LYS B 497 26.59 16.94 7.64
C LYS B 497 27.61 17.83 6.89
N PRO B 498 28.05 17.38 5.69
CA PRO B 498 28.94 18.14 4.85
C PRO B 498 28.17 19.12 3.95
N SER B 499 28.84 19.68 2.95
CA SER B 499 28.15 20.57 2.00
C SER B 499 26.97 19.90 1.32
N ALA B 500 25.99 20.72 0.94
CA ALA B 500 24.79 20.26 0.20
C ALA B 500 25.14 19.52 -1.07
N GLU B 501 26.20 19.93 -1.71
CA GLU B 501 26.61 19.35 -2.97
C GLU B 501 27.17 17.92 -2.74
N LEU B 502 27.90 17.71 -1.65
CA LEU B 502 28.40 16.38 -1.32
C LEU B 502 27.26 15.48 -0.89
N VAL B 503 26.34 15.99 -0.10
CA VAL B 503 25.16 15.25 0.30
C VAL B 503 24.37 14.77 -0.94
N ALA B 504 24.23 15.66 -1.93
CA ALA B 504 23.53 15.34 -3.18
C ALA B 504 24.26 14.34 -4.04
N LYS B 505 25.58 14.41 -4.08
CA LYS B 505 26.33 13.49 -4.89
C LYS B 505 26.20 12.04 -4.40
N TRP B 506 26.36 11.87 -3.09
CA TRP B 506 26.37 10.56 -2.48
C TRP B 506 25.03 10.12 -1.85
N SER B 507 23.92 10.84 -2.12
CA SER B 507 22.63 10.55 -1.52
C SER B 507 22.74 10.31 -0.03
N LEU B 508 23.41 11.21 0.67
CA LEU B 508 23.49 11.10 2.12
C LEU B 508 22.15 11.43 2.73
N SER B 509 21.63 10.57 3.61
CA SER B 509 20.42 10.87 4.35
C SER B 509 20.80 11.73 5.54
N SER B 510 19.92 12.69 5.85
CA SER B 510 20.18 13.72 6.83
C SER B 510 19.23 13.58 8.01
N GLN B 511 19.72 13.88 9.20
CA GLN B 511 18.85 13.99 10.37
C GLN B 511 19.37 15.09 11.27
N ASP B 512 18.47 16.00 11.65
CA ASP B 512 18.77 17.00 12.67
C ASP B 512 18.37 16.46 14.03
N VAL B 513 19.18 16.76 15.04
CA VAL B 513 18.86 16.40 16.42
C VAL B 513 18.98 17.65 17.27
N LEU B 514 18.19 17.72 18.35
CA LEU B 514 18.37 18.77 19.33
C LEU B 514 19.10 18.12 20.48
N MET B 515 20.23 18.69 20.86
CA MET B 515 21.05 18.10 21.90
C MET B 515 20.41 18.25 23.28
N VAL B 516 19.48 19.19 23.41
CA VAL B 516 18.62 19.29 24.59
C VAL B 516 17.19 19.54 24.08
N PRO B 517 16.32 18.52 24.19
CA PRO B 517 14.94 18.63 23.71
C PRO B 517 14.24 19.92 24.16
N GLY B 518 13.47 20.51 23.24
CA GLY B 518 12.82 21.80 23.48
C GLY B 518 13.70 23.05 23.38
N ASP B 519 14.88 22.93 22.76
CA ASP B 519 15.78 24.07 22.60
C ASP B 519 16.42 24.04 21.21
N GLU B 520 15.94 24.92 20.32
CA GLU B 520 16.38 24.94 18.93
C GLU B 520 17.80 25.51 18.74
N THR B 521 18.37 26.12 19.76
CA THR B 521 19.77 26.55 19.71
C THR B 521 20.78 25.41 19.80
N THR B 522 20.35 24.22 20.19
CA THR B 522 21.21 23.05 20.35
C THR B 522 21.18 22.09 19.14
N ARG B 523 20.71 22.56 17.99
CA ARG B 523 20.53 21.70 16.81
C ARG B 523 21.86 21.27 16.27
N ARG B 524 21.98 19.99 15.92
CA ARG B 524 23.15 19.47 15.18
C ARG B 524 22.59 18.78 13.97
N SER B 525 23.27 18.93 12.82
CA SER B 525 22.90 18.27 11.59
C SER B 525 23.85 17.11 11.34
N TYR B 526 23.28 15.92 11.23
CA TYR B 526 23.99 14.70 10.94
C TYR B 526 23.63 14.17 9.56
N VAL B 527 24.56 13.43 8.99
CA VAL B 527 24.23 12.49 7.92
C VAL B 527 24.62 11.09 8.39
N HIS B 528 24.22 10.09 7.61
CA HIS B 528 24.77 8.77 7.79
C HIS B 528 25.06 8.08 6.51
N VAL B 529 25.91 7.07 6.62
CA VAL B 529 26.25 6.19 5.54
C VAL B 529 25.79 4.81 5.95
N PHE B 530 25.08 4.12 5.06
CA PHE B 530 24.67 2.72 5.24
C PHE B 530 25.57 1.79 4.44
N VAL B 531 26.30 0.90 5.12
CA VAL B 531 27.20 0.00 4.39
C VAL B 531 26.41 -1.22 3.96
N MET B 532 25.80 -1.12 2.78
CA MET B 532 25.06 -2.24 2.21
C MET B 532 26.02 -3.12 1.43
N PRO B 533 25.54 -4.29 0.97
CA PRO B 533 26.46 -5.17 0.21
C PRO B 533 27.05 -4.58 -1.06
N SER B 534 26.41 -3.57 -1.64
CA SER B 534 26.93 -2.86 -2.78
C SER B 534 27.94 -1.74 -2.45
N VAL B 535 28.22 -1.53 -1.16
CA VAL B 535 29.19 -0.54 -0.72
C VAL B 535 30.50 -1.28 -0.40
N ASP B 536 31.55 -0.98 -1.14
CA ASP B 536 32.85 -1.60 -0.85
C ASP B 536 33.87 -0.57 -0.37
N ARG B 537 35.06 -1.07 -0.07
CA ARG B 537 36.11 -0.20 0.44
C ARG B 537 36.44 0.95 -0.50
N ALA B 538 36.56 0.68 -1.79
CA ALA B 538 36.88 1.73 -2.75
C ALA B 538 35.86 2.86 -2.74
N LYS B 539 34.59 2.52 -2.65
CA LYS B 539 33.53 3.52 -2.60
C LYS B 539 33.65 4.40 -1.33
N LEU B 540 33.88 3.78 -0.18
CA LEU B 540 34.06 4.52 1.06
C LEU B 540 35.31 5.38 1.02
N ASP B 541 36.41 4.84 0.48
CA ASP B 541 37.62 5.64 0.33
C ASP B 541 37.45 6.84 -0.58
N ALA B 542 36.66 6.69 -1.64
CA ALA B 542 36.35 7.82 -2.52
C ALA B 542 35.55 8.90 -1.82
N LEU B 543 34.56 8.48 -1.03
CA LEU B 543 33.76 9.42 -0.25
C LEU B 543 34.64 10.14 0.76
N LEU B 544 35.45 9.38 1.47
CA LEU B 544 36.30 9.95 2.50
C LEU B 544 37.29 11.00 1.93
N ALA B 545 37.83 10.74 0.75
CA ALA B 545 38.72 11.72 0.09
C ALA B 545 38.00 13.04 -0.17
N GLU B 546 36.72 12.95 -0.57
CA GLU B 546 35.94 14.16 -0.82
C GLU B 546 35.52 14.85 0.45
N LEU B 547 35.18 14.08 1.49
CA LEU B 547 34.88 14.69 2.79
C LEU B 547 36.05 15.49 3.36
N ALA B 548 37.26 14.97 3.16
CA ALA B 548 38.47 15.63 3.64
C ALA B 548 38.74 16.98 2.99
N GLU B 549 38.15 17.24 1.83
CA GLU B 549 38.31 18.53 1.16
C GLU B 549 37.02 19.32 1.08
N ASP B 550 36.00 18.93 1.83
CA ASP B 550 34.69 19.55 1.73
C ASP B 550 34.67 20.89 2.48
N PRO B 551 34.09 21.94 1.87
CA PRO B 551 34.16 23.27 2.52
C PRO B 551 33.42 23.39 3.85
N VAL B 552 32.35 22.64 4.05
CA VAL B 552 31.65 22.66 5.33
C VAL B 552 32.47 21.93 6.39
N ILE B 553 33.01 20.76 6.01
CA ILE B 553 33.83 19.97 6.93
C ILE B 553 35.06 20.76 7.36
N LEU B 554 35.73 21.37 6.40
CA LEU B 554 36.94 22.15 6.69
C LEU B 554 36.69 23.49 7.35
N GLY B 555 35.79 24.30 6.78
CA GLY B 555 35.67 25.72 7.17
C GLY B 555 34.88 25.97 8.45
N ALA B 556 34.91 25.00 9.39
CA ALA B 556 33.94 24.88 10.49
C ALA B 556 33.90 26.09 11.45
C4 G0C C . -10.33 -2.79 -8.75
C5 G0C C . -9.87 -1.99 -7.68
C6 G0C C . -10.56 -0.86 -7.31
N1 G0C C . -11.66 -0.49 -8.00
C3 G0C C . -11.51 -2.35 -9.41
OP1 G0C C . -5.30 -2.59 -8.53
P G0C C . -6.12 -2.99 -7.42
OP2 G0C C . -5.70 -2.57 -6.04
OP3 G0C C . -6.58 -4.39 -7.44
OP4 G0C C . -7.49 -2.15 -7.76
C5A G0C C . -8.59 -2.35 -6.88
C2 G0C C . -12.16 -1.22 -9.01
C2A G0C C . -13.38 -0.68 -9.71
O3 G0C C . -12.04 -3.05 -10.44
C4A G0C C . -9.65 -3.95 -9.17
N G0C C . -10.28 -4.87 -9.88
CA G0C C . -9.64 -6.02 -10.50
CB G0C C . -8.17 -6.29 -10.34
CG G0C C . -7.58 -7.41 -11.09
SD G0C C . -7.49 -6.86 -12.82
CE G0C C . -6.04 -5.81 -12.74
C4 G0C D . 11.77 2.01 6.82
C5 G0C D . 10.42 1.57 6.89
C6 G0C D . 9.98 0.85 8.00
N1 G0C D . 10.80 0.58 9.03
C3 G0C D . 12.61 1.67 7.93
OP1 G0C D . 9.97 0.37 2.44
P G0C D . 9.34 1.42 3.20
OP2 G0C D . 7.85 1.46 3.21
OP3 G0C D . 9.92 2.76 3.06
OP4 G0C D . 9.77 0.96 4.70
C5A G0C D . 9.39 1.79 5.78
C2 G0C D . 12.10 0.98 9.03
C2A G0C D . 12.93 0.58 10.23
O3 G0C D . 13.91 2.05 7.97
C4A G0C D . 12.26 2.70 5.70
N G0C D . 13.42 3.31 5.78
CA G0C D . 14.08 3.99 4.66
CB G0C D . 13.54 3.91 3.23
CG G0C D . 14.42 4.46 2.15
SD G0C D . 15.76 3.19 2.00
CE G0C D . 14.94 1.82 1.20
#